data_5XL3
#
_entry.id   5XL3
#
_cell.length_a   100.533
_cell.length_b   100.533
_cell.length_c   685.080
_cell.angle_alpha   90.00
_cell.angle_beta   90.00
_cell.angle_gamma   120.00
#
_symmetry.space_group_name_H-M   'H 3 2'
#
loop_
_entity.id
_entity.type
_entity.pdbx_description
1 polymer Hemagglutinin
2 polymer Hemagglutinin
3 branched 'N-acetyl-alpha-neuraminic acid-(2-3)-beta-D-galactopyranose-(1-4)-2-acetamido-2-deoxy-beta-D-glucopyranose'
4 non-polymer 2-acetamido-2-deoxy-beta-D-glucopyranose
5 non-polymer 'N-acetyl-alpha-neuraminic acid'
6 water water
#
loop_
_entity_poly.entity_id
_entity_poly.type
_entity_poly.pdbx_seq_one_letter_code
_entity_poly.pdbx_strand_id
1 'polypeptide(L)'
;QNYTGNPVICMGHHAVANGTMVKTLADDQVEVVTAQELVESQNLPELCPSPLRLVDGQTCDIINGALGSPGCDHLNGAEW
DVFIERPNAVDTCYPFDVPEYQSLRSILANNGKFEFIAEEFQWNTVKQNGKSGACKRANVNDFFNRLNWLVKSDGNAYPL
QNLTKINNGDYARLYIWGVHHPSTDTEQTNLYKNNPGGVTVSTKTSQTSVVPNIGSRPLVRGQSGRVSFYWTIVEPGDLI
VFNTIGNLIAPRGHYKLNNQKKSTILNTAIPIGSCVSKCHTDKGSLSTTKPFQNISRIAVGDCPRYVKQGSLKLATGMRN
IPEKASR
;
A,B
2 'polypeptide(L)'
;GLFGAIAGFIENGWQGLIDGWYGFRHQNAEGTGTAADLKSTQAAIDQINGKLNRLIEKTNDKYHQIEKEFEQVEGRIQDL
EKYVEDTKIDLWSYNAELLVALENQHTIDVTDSEMNKLFERVRRQLRENAEDKGNGCFEIFHKCDNNCIESIRNGTYDHD
IYRDEAINNRFQIQGV
;
C,D
#
loop_
_chem_comp.id
_chem_comp.type
_chem_comp.name
_chem_comp.formula
GAL D-saccharide, beta linking beta-D-galactopyranose 'C6 H12 O6'
NAG D-saccharide, beta linking 2-acetamido-2-deoxy-beta-D-glucopyranose 'C8 H15 N O6'
SIA D-saccharide, alpha linking 'N-acetyl-alpha-neuraminic acid' 'C11 H19 N O9'
#
# COMPACT_ATOMS: atom_id res chain seq x y z
N GLY A 5 -17.98 -6.75 1.12
CA GLY A 5 -18.50 -6.49 -0.22
C GLY A 5 -18.25 -5.06 -0.59
N ASN A 6 -17.06 -4.59 -0.24
CA ASN A 6 -16.71 -3.17 -0.34
C ASN A 6 -15.37 -2.83 -1.03
N PRO A 7 -14.36 -3.72 -1.03
CA PRO A 7 -13.15 -3.30 -1.75
C PRO A 7 -13.40 -3.17 -3.25
N VAL A 8 -12.62 -2.32 -3.90
CA VAL A 8 -12.76 -2.04 -5.33
C VAL A 8 -11.39 -2.06 -6.01
N ILE A 9 -11.29 -2.68 -7.18
CA ILE A 9 -10.07 -2.58 -7.96
C ILE A 9 -10.41 -2.04 -9.35
N CYS A 10 -9.65 -1.03 -9.78
CA CYS A 10 -9.90 -0.35 -11.05
C CYS A 10 -8.74 -0.53 -12.01
N MET A 11 -9.04 -0.79 -13.27
CA MET A 11 -7.98 -0.92 -14.27
C MET A 11 -7.97 0.32 -15.14
N GLY A 12 -6.79 0.86 -15.40
CA GLY A 12 -6.69 2.11 -16.11
C GLY A 12 -5.43 2.27 -16.93
N HIS A 13 -5.25 3.48 -17.45
CA HIS A 13 -4.11 3.77 -18.30
C HIS A 13 -3.54 5.15 -17.97
N HIS A 14 -2.31 5.40 -18.40
CA HIS A 14 -1.68 6.69 -18.10
C HIS A 14 -2.29 7.83 -18.90
N ALA A 15 -1.89 9.04 -18.53
CA ALA A 15 -2.22 10.25 -19.27
C ALA A 15 -1.22 11.34 -18.91
N VAL A 16 -1.04 12.31 -19.79
CA VAL A 16 -0.25 13.49 -19.47
C VAL A 16 -1.13 14.74 -19.58
N ALA A 17 -0.61 15.87 -19.12
CA ALA A 17 -1.38 17.10 -19.11
C ALA A 17 -1.70 17.55 -20.54
N ASN A 18 -0.70 17.53 -21.41
CA ASN A 18 -0.91 17.97 -22.79
C ASN A 18 -0.16 17.07 -23.77
N GLY A 19 -0.91 16.37 -24.61
CA GLY A 19 -0.32 15.45 -25.57
C GLY A 19 0.01 16.09 -26.90
N THR A 20 0.11 15.27 -27.94
CA THR A 20 0.39 15.76 -29.29
C THR A 20 -0.74 15.35 -30.24
N MET A 21 -1.06 16.22 -31.18
CA MET A 21 -2.12 15.94 -32.15
C MET A 21 -1.60 15.13 -33.33
N VAL A 22 -2.35 14.12 -33.74
CA VAL A 22 -2.00 13.33 -34.92
C VAL A 22 -3.23 13.10 -35.79
N LYS A 23 -3.01 12.56 -36.97
CA LYS A 23 -4.10 12.23 -37.88
C LYS A 23 -4.30 10.73 -37.99
N THR A 24 -5.55 10.32 -38.17
CA THR A 24 -5.89 8.96 -38.54
C THR A 24 -6.61 8.97 -39.90
N LEU A 25 -7.23 7.85 -40.24
CA LEU A 25 -8.05 7.78 -41.44
C LEU A 25 -9.30 8.66 -41.31
N ALA A 26 -9.82 8.76 -40.09
CA ALA A 26 -11.08 9.44 -39.83
C ALA A 26 -10.90 10.86 -39.30
N ASP A 27 -9.95 11.04 -38.40
CA ASP A 27 -9.79 12.30 -37.68
C ASP A 27 -8.43 12.92 -37.97
N ASP A 28 -8.40 14.24 -38.14
CA ASP A 28 -7.15 14.92 -38.43
C ASP A 28 -6.56 15.59 -37.18
N GLN A 29 -7.26 15.46 -36.05
CA GLN A 29 -6.72 15.95 -34.79
C GLN A 29 -7.09 15.06 -33.61
N VAL A 30 -6.29 14.01 -33.43
CA VAL A 30 -6.42 13.11 -32.30
C VAL A 30 -5.24 13.33 -31.36
N GLU A 31 -5.53 13.62 -30.09
CA GLU A 31 -4.46 13.85 -29.13
C GLU A 31 -3.96 12.53 -28.55
N VAL A 32 -2.67 12.28 -28.70
CA VAL A 32 -2.06 11.09 -28.15
C VAL A 32 -0.94 11.49 -27.20
N VAL A 33 -0.55 10.55 -26.34
CA VAL A 33 0.40 10.85 -25.26
C VAL A 33 1.77 11.23 -25.78
N THR A 34 2.32 10.42 -26.69
CA THR A 34 3.57 10.75 -27.35
C THR A 34 3.46 10.59 -28.85
N ALA A 35 4.33 11.26 -29.59
CA ALA A 35 4.35 11.17 -31.04
C ALA A 35 5.75 11.47 -31.58
N GLN A 36 5.99 11.07 -32.83
CA GLN A 36 7.29 11.24 -33.45
C GLN A 36 7.14 11.87 -34.84
N GLU A 37 7.86 12.97 -35.06
CA GLU A 37 7.85 13.64 -36.36
C GLU A 37 8.59 12.80 -37.40
N LEU A 38 7.98 12.60 -38.56
CA LEU A 38 8.60 11.77 -39.61
C LEU A 38 9.16 12.61 -40.77
N VAL A 39 8.87 13.90 -40.77
CA VAL A 39 9.40 14.75 -41.84
C VAL A 39 10.55 15.62 -41.33
N GLU A 40 11.74 15.40 -41.86
CA GLU A 40 12.88 16.23 -41.52
C GLU A 40 12.77 17.60 -42.18
N SER A 41 12.65 18.64 -41.37
CA SER A 41 12.47 19.99 -41.90
C SER A 41 13.58 20.94 -41.47
N GLN A 42 14.66 20.40 -40.94
CA GLN A 42 15.83 21.20 -40.58
C GLN A 42 17.07 20.66 -41.29
N ASN A 43 17.84 21.57 -41.89
CA ASN A 43 19.09 21.18 -42.52
C ASN A 43 20.28 21.88 -41.87
N LEU A 44 21.47 21.36 -42.11
CA LEU A 44 22.69 22.01 -41.66
C LEU A 44 23.06 23.10 -42.65
N PRO A 45 23.64 24.20 -42.17
CA PRO A 45 24.03 25.30 -43.07
C PRO A 45 25.38 25.02 -43.73
N GLU A 46 25.70 23.74 -43.92
CA GLU A 46 26.97 23.34 -44.50
C GLU A 46 26.89 21.96 -45.15
N LEU A 47 27.85 21.64 -46.02
CA LEU A 47 27.95 20.31 -46.59
C LEU A 47 29.00 19.49 -45.86
N CYS A 48 28.72 18.21 -45.64
CA CYS A 48 29.62 17.34 -44.88
C CYS A 48 30.58 16.61 -45.79
N PRO A 49 31.90 16.78 -45.56
CA PRO A 49 32.95 16.26 -46.44
C PRO A 49 33.19 14.76 -46.26
N SER A 50 32.47 14.16 -45.32
CA SER A 50 32.54 12.73 -45.07
C SER A 50 31.16 12.22 -44.67
N PRO A 51 30.86 10.93 -44.95
CA PRO A 51 31.74 9.92 -45.54
C PRO A 51 31.81 9.94 -47.07
N LEU A 52 31.09 10.84 -47.72
CA LEU A 52 31.15 10.94 -49.17
C LEU A 52 32.26 11.90 -49.60
N ARG A 53 32.93 11.58 -50.70
CA ARG A 53 34.02 12.42 -51.18
C ARG A 53 33.46 13.58 -51.99
N LEU A 54 33.50 14.77 -51.41
CA LEU A 54 33.07 15.98 -52.10
C LEU A 54 34.28 16.69 -52.70
N VAL A 55 34.12 17.18 -53.93
CA VAL A 55 35.14 17.98 -54.59
C VAL A 55 34.56 19.33 -54.98
N ASP A 56 35.11 20.40 -54.42
CA ASP A 56 34.65 21.76 -54.67
C ASP A 56 35.17 22.29 -56.01
N GLY A 57 34.26 22.67 -56.90
CA GLY A 57 34.65 23.21 -58.19
C GLY A 57 35.23 24.61 -57.99
N GLN A 58 34.71 25.32 -57.00
CA GLN A 58 35.09 26.70 -56.70
C GLN A 58 34.78 27.43 -57.99
N THR A 59 35.80 28.08 -58.57
CA THR A 59 35.62 29.04 -59.66
C THR A 59 35.23 28.35 -60.95
N CYS A 60 35.40 27.03 -60.99
CA CYS A 60 35.16 26.28 -62.22
C CYS A 60 33.93 25.38 -62.12
N ASP A 61 33.04 25.47 -63.11
CA ASP A 61 32.01 24.46 -63.25
C ASP A 61 32.69 23.23 -63.83
N ILE A 62 31.96 22.12 -63.93
CA ILE A 62 32.60 20.86 -64.27
C ILE A 62 33.05 20.82 -65.75
N ILE A 63 32.37 21.59 -66.60
CA ILE A 63 32.76 21.67 -68.01
C ILE A 63 34.13 22.32 -68.15
N ASN A 64 34.28 23.50 -67.58
CA ASN A 64 35.55 24.22 -67.58
C ASN A 64 36.69 23.39 -66.98
N GLY A 65 36.38 22.66 -65.92
CA GLY A 65 37.37 21.82 -65.27
C GLY A 65 37.82 20.68 -66.17
N ALA A 66 36.90 20.18 -66.99
CA ALA A 66 37.24 19.11 -67.94
C ALA A 66 38.04 19.67 -69.11
N LEU A 67 37.68 20.89 -69.53
CA LEU A 67 38.36 21.54 -70.64
C LEU A 67 39.76 21.98 -70.24
N GLY A 68 39.94 22.27 -68.95
CA GLY A 68 41.21 22.74 -68.44
C GLY A 68 41.35 24.25 -68.52
N SER A 69 40.28 24.96 -68.22
CA SER A 69 40.30 26.42 -68.19
C SER A 69 41.24 26.94 -67.11
N PRO A 70 41.74 28.18 -67.27
CA PRO A 70 42.56 28.79 -66.22
C PRO A 70 41.83 28.84 -64.88
N GLY A 71 42.50 28.40 -63.83
CA GLY A 71 41.92 28.40 -62.49
C GLY A 71 41.38 27.04 -62.11
N CYS A 72 41.30 26.14 -63.09
CA CYS A 72 40.74 24.82 -62.88
C CYS A 72 41.81 23.76 -62.69
N ASP A 73 43.03 24.21 -62.42
CA ASP A 73 44.18 23.30 -62.34
C ASP A 73 44.10 22.36 -61.13
N HIS A 74 43.51 22.82 -60.05
CA HIS A 74 43.38 22.00 -58.84
C HIS A 74 42.51 20.76 -59.06
N LEU A 75 41.56 20.85 -60.00
CA LEU A 75 40.63 19.75 -60.26
C LEU A 75 41.29 18.57 -61.00
N ASN A 76 42.55 18.73 -61.37
CA ASN A 76 43.27 17.66 -62.05
C ASN A 76 43.45 16.47 -61.13
N GLY A 77 43.25 15.27 -61.67
CA GLY A 77 43.36 14.05 -60.89
C GLY A 77 42.26 13.88 -59.83
N ALA A 78 41.35 14.84 -59.75
CA ALA A 78 40.30 14.84 -58.73
C ALA A 78 39.35 13.66 -58.86
N GLU A 79 38.99 13.07 -57.73
CA GLU A 79 38.00 12.00 -57.69
C GLU A 79 36.89 12.37 -56.73
N TRP A 80 35.65 12.13 -57.14
CA TRP A 80 34.50 12.54 -56.35
C TRP A 80 33.35 11.56 -56.38
N ASP A 81 32.63 11.49 -55.26
CA ASP A 81 31.30 10.90 -55.23
C ASP A 81 30.32 11.96 -55.69
N VAL A 82 30.49 13.16 -55.16
CA VAL A 82 29.65 14.30 -55.49
C VAL A 82 30.49 15.52 -55.82
N PHE A 83 30.40 15.97 -57.07
CA PHE A 83 31.08 17.19 -57.51
C PHE A 83 30.25 18.41 -57.12
N ILE A 84 30.80 19.26 -56.27
CA ILE A 84 30.10 20.47 -55.86
C ILE A 84 30.40 21.62 -56.82
N GLU A 85 29.37 22.06 -57.53
CA GLU A 85 29.51 23.07 -58.58
C GLU A 85 28.86 24.39 -58.18
N ARG A 86 29.64 25.46 -58.15
CA ARG A 86 29.18 26.73 -57.60
C ARG A 86 28.40 27.57 -58.60
N PRO A 87 27.33 28.22 -58.12
CA PRO A 87 26.50 29.12 -58.95
C PRO A 87 27.30 30.30 -59.48
N ASN A 88 28.25 30.81 -58.69
CA ASN A 88 29.02 31.97 -59.09
C ASN A 88 30.31 31.61 -59.84
N ALA A 89 30.30 30.47 -60.52
CA ALA A 89 31.42 30.06 -61.36
C ALA A 89 31.49 30.94 -62.60
N VAL A 90 32.70 31.11 -63.14
CA VAL A 90 32.91 32.05 -64.22
C VAL A 90 33.73 31.46 -65.36
N ASP A 91 33.36 31.82 -66.58
CA ASP A 91 34.17 31.47 -67.74
C ASP A 91 35.46 32.30 -67.70
N THR A 92 36.60 31.63 -67.79
CA THR A 92 37.88 32.32 -67.76
C THR A 92 38.71 32.00 -69.00
N CYS A 93 38.05 31.62 -70.08
CA CYS A 93 38.77 31.22 -71.28
C CYS A 93 38.04 31.64 -72.55
N TYR A 94 38.41 31.02 -73.66
CA TYR A 94 37.81 31.33 -74.95
C TYR A 94 36.32 31.01 -74.94
N PRO A 95 35.49 31.95 -75.43
CA PRO A 95 34.03 31.80 -75.52
C PRO A 95 33.65 30.54 -76.27
N PHE A 96 32.83 29.71 -75.65
CA PHE A 96 32.45 28.46 -76.28
C PHE A 96 31.01 28.09 -76.02
N ASP A 97 30.58 27.01 -76.66
CA ASP A 97 29.30 26.40 -76.37
C ASP A 97 29.42 24.90 -76.57
N VAL A 98 28.50 24.14 -75.98
CA VAL A 98 28.43 22.71 -76.22
C VAL A 98 27.03 22.34 -76.67
N PRO A 99 26.91 21.86 -77.92
CA PRO A 99 25.63 21.49 -78.53
C PRO A 99 24.76 20.61 -77.62
N GLU A 100 25.36 19.59 -77.02
CA GLU A 100 24.67 18.75 -76.05
C GLU A 100 25.25 18.96 -74.66
N TYR A 101 25.18 20.21 -74.19
CA TYR A 101 25.84 20.65 -72.96
C TYR A 101 25.52 19.78 -71.75
N GLN A 102 24.22 19.63 -71.45
CA GLN A 102 23.81 18.90 -70.27
C GLN A 102 24.26 17.44 -70.34
N SER A 103 24.30 16.90 -71.56
CA SER A 103 24.71 15.50 -71.73
C SER A 103 26.18 15.29 -71.42
N LEU A 104 27.05 16.19 -71.90
CA LEU A 104 28.46 16.10 -71.58
C LEU A 104 28.66 16.29 -70.09
N ARG A 105 28.03 17.32 -69.54
CA ARG A 105 28.09 17.61 -68.11
C ARG A 105 27.68 16.40 -67.26
N SER A 106 26.60 15.74 -67.68
CA SER A 106 26.13 14.53 -67.02
C SER A 106 27.16 13.41 -67.05
N ILE A 107 27.78 13.19 -68.20
CA ILE A 107 28.77 12.13 -68.37
C ILE A 107 29.99 12.35 -67.48
N LEU A 108 30.46 13.60 -67.46
CA LEU A 108 31.59 13.96 -66.62
C LEU A 108 31.30 13.78 -65.12
N ALA A 109 30.12 14.22 -64.69
CA ALA A 109 29.75 14.15 -63.28
C ALA A 109 29.56 12.71 -62.82
N ASN A 110 28.85 11.94 -63.64
CA ASN A 110 28.56 10.55 -63.32
C ASN A 110 29.85 9.72 -63.27
N ASN A 111 30.78 10.05 -64.18
CA ASN A 111 32.05 9.34 -64.27
C ASN A 111 32.83 9.38 -62.97
N GLY A 112 32.85 10.55 -62.34
CA GLY A 112 33.37 10.67 -60.99
C GLY A 112 34.85 10.97 -60.82
N LYS A 113 35.58 11.25 -61.91
CA LYS A 113 36.99 11.56 -61.79
C LYS A 113 37.56 12.31 -62.99
N PHE A 114 38.57 13.13 -62.72
CA PHE A 114 39.29 13.86 -63.76
C PHE A 114 40.70 13.29 -63.91
N GLU A 115 40.80 12.11 -64.52
CA GLU A 115 42.09 11.46 -64.74
C GLU A 115 42.48 11.58 -66.21
N PHE A 116 43.29 12.58 -66.52
CA PHE A 116 43.68 12.83 -67.90
C PHE A 116 44.94 12.05 -68.28
N ILE A 117 44.93 11.49 -69.48
CA ILE A 117 46.10 10.77 -69.99
C ILE A 117 46.63 11.44 -71.24
N ALA A 118 47.76 12.12 -71.09
CA ALA A 118 48.36 12.87 -72.18
C ALA A 118 48.78 11.96 -73.32
N GLU A 119 48.59 12.43 -74.54
CA GLU A 119 49.02 11.66 -75.70
C GLU A 119 49.61 12.51 -76.80
N GLU A 120 50.48 11.86 -77.54
CA GLU A 120 51.19 12.47 -78.64
C GLU A 120 50.33 12.41 -79.93
N PHE A 121 50.11 13.56 -80.55
CA PHE A 121 49.52 13.62 -81.90
C PHE A 121 50.43 14.34 -82.92
N GLN A 122 51.29 13.62 -83.62
CA GLN A 122 52.16 14.28 -84.60
C GLN A 122 51.43 14.77 -85.84
N TRP A 123 50.80 15.93 -85.65
CA TRP A 123 50.25 16.71 -86.74
C TRP A 123 51.37 17.22 -87.68
N ASN A 124 51.31 16.88 -88.98
CA ASN A 124 51.43 17.88 -90.07
C ASN A 124 52.60 18.91 -90.04
N THR A 125 52.40 20.01 -90.72
CA THR A 125 53.35 21.09 -90.84
C THR A 125 52.85 22.22 -89.97
N VAL A 126 51.69 21.99 -89.35
CA VAL A 126 50.93 23.01 -88.60
C VAL A 126 51.64 23.72 -87.47
N LYS A 127 51.22 24.95 -87.23
CA LYS A 127 51.44 25.56 -85.92
C LYS A 127 50.44 24.93 -84.92
N GLN A 128 51.01 24.43 -83.82
CA GLN A 128 50.24 23.90 -82.70
C GLN A 128 50.21 24.93 -81.59
N ASN A 129 49.51 24.61 -80.51
CA ASN A 129 49.52 25.39 -79.28
C ASN A 129 49.09 26.85 -79.46
N GLY A 130 48.12 27.08 -80.34
CA GLY A 130 47.54 28.40 -80.52
C GLY A 130 46.90 28.90 -79.24
N LYS A 131 47.00 30.20 -79.00
CA LYS A 131 46.51 30.80 -77.77
C LYS A 131 45.58 31.99 -78.04
N SER A 132 45.16 32.66 -76.98
CA SER A 132 44.21 33.76 -77.10
C SER A 132 44.21 34.69 -75.89
N GLY A 133 43.76 35.92 -76.10
CA GLY A 133 43.72 36.92 -75.05
C GLY A 133 42.45 36.87 -74.23
N ALA A 134 41.52 36.04 -74.67
CA ALA A 134 40.28 35.79 -73.92
C ALA A 134 40.56 34.77 -72.82
N CYS A 135 41.64 34.02 -73.01
CA CYS A 135 42.01 32.96 -72.09
C CYS A 135 43.37 33.24 -71.46
N LYS A 136 43.49 34.41 -70.85
CA LYS A 136 44.75 34.79 -70.22
C LYS A 136 45.07 33.91 -69.02
N ARG A 137 46.31 33.45 -68.93
CA ARG A 137 46.75 32.74 -67.73
C ARG A 137 47.95 33.47 -67.16
N ALA A 138 47.74 34.21 -66.06
CA ALA A 138 48.72 35.13 -65.53
C ALA A 138 49.46 35.86 -66.67
N ASN A 139 48.90 37.00 -67.05
CA ASN A 139 49.39 37.99 -68.02
C ASN A 139 49.46 37.48 -69.46
N VAL A 140 49.63 36.17 -69.65
CA VAL A 140 49.95 35.64 -70.97
C VAL A 140 48.78 34.99 -71.72
N ASN A 141 48.63 35.33 -72.99
CA ASN A 141 47.72 34.62 -73.89
C ASN A 141 47.86 33.12 -73.70
N ASP A 142 46.75 32.44 -73.46
CA ASP A 142 46.78 31.01 -73.24
C ASP A 142 45.52 30.34 -73.78
N PHE A 143 45.27 29.10 -73.36
CA PHE A 143 44.17 28.31 -73.89
C PHE A 143 43.80 27.16 -72.97
N PHE A 144 42.73 26.44 -73.31
CA PHE A 144 42.35 25.23 -72.59
C PHE A 144 43.50 24.22 -72.58
N ASN A 145 44.02 23.89 -71.40
CA ASN A 145 45.21 23.06 -71.34
C ASN A 145 44.97 21.60 -71.71
N ARG A 146 43.73 21.25 -72.07
CA ARG A 146 43.43 19.91 -72.56
C ARG A 146 43.24 19.94 -74.07
N LEU A 147 43.14 21.15 -74.62
CA LEU A 147 42.92 21.31 -76.05
C LEU A 147 44.16 21.85 -76.74
N ASN A 148 44.24 21.63 -78.05
CA ASN A 148 45.39 22.08 -78.85
C ASN A 148 44.92 22.80 -80.10
N TRP A 149 45.00 24.13 -80.11
CA TRP A 149 44.59 24.91 -81.26
C TRP A 149 45.55 24.72 -82.44
N LEU A 150 45.05 24.01 -83.47
CA LEU A 150 45.80 23.82 -84.71
C LEU A 150 45.45 24.91 -85.70
N VAL A 151 46.49 25.44 -86.33
CA VAL A 151 46.42 26.66 -87.11
C VAL A 151 47.65 26.74 -88.00
N LYS A 152 47.45 27.03 -89.29
CA LYS A 152 48.44 26.68 -90.33
C LYS A 152 49.81 27.30 -90.23
N SER A 153 50.70 26.65 -90.98
CA SER A 153 52.07 27.04 -91.34
C SER A 153 52.63 28.44 -91.25
N ASP A 154 53.94 28.47 -91.09
CA ASP A 154 54.62 29.69 -91.48
C ASP A 154 54.54 29.84 -93.01
N GLY A 155 54.70 28.74 -93.74
CA GLY A 155 54.54 28.79 -95.19
C GLY A 155 53.14 28.62 -95.72
N ASN A 156 52.15 29.17 -95.01
CA ASN A 156 50.78 29.22 -95.49
C ASN A 156 50.16 27.88 -95.89
N ALA A 157 50.33 26.83 -95.08
CA ALA A 157 49.82 25.51 -95.45
C ALA A 157 49.46 24.55 -94.32
N TYR A 158 48.20 24.08 -94.32
CA TYR A 158 47.72 23.01 -93.45
C TYR A 158 47.04 21.98 -94.28
N PRO A 159 47.78 20.94 -94.65
CA PRO A 159 47.15 19.90 -95.43
C PRO A 159 46.12 19.11 -94.63
N LEU A 160 45.63 18.05 -95.24
CA LEU A 160 44.67 17.15 -94.62
C LEU A 160 45.28 16.41 -93.42
N GLN A 161 44.71 16.60 -92.24
CA GLN A 161 45.05 15.76 -91.07
C GLN A 161 44.19 14.53 -91.02
N ASN A 162 44.69 13.54 -90.32
CA ASN A 162 44.18 12.19 -90.43
C ASN A 162 45.02 11.29 -89.55
N LEU A 163 44.73 11.32 -88.26
CA LEU A 163 45.48 10.53 -87.30
C LEU A 163 44.59 9.54 -86.57
N THR A 164 45.18 8.44 -86.16
CA THR A 164 44.43 7.34 -85.55
C THR A 164 45.05 6.94 -84.23
N LYS A 165 44.20 6.81 -83.20
CA LYS A 165 44.62 6.27 -81.93
C LYS A 165 43.82 5.02 -81.62
N ILE A 166 44.52 3.91 -81.45
CA ILE A 166 43.87 2.63 -81.19
C ILE A 166 43.87 2.32 -79.71
N ASN A 167 42.67 2.15 -79.15
CA ASN A 167 42.54 1.83 -77.74
C ASN A 167 42.66 0.34 -77.49
N ASN A 168 43.85 -0.07 -77.05
CA ASN A 168 44.07 -1.47 -76.67
C ASN A 168 44.30 -1.57 -75.17
N GLY A 169 43.91 -0.53 -74.45
CA GLY A 169 43.90 -0.54 -73.01
C GLY A 169 42.68 -1.29 -72.49
N ASP A 170 42.49 -1.28 -71.18
CA ASP A 170 41.39 -2.03 -70.57
C ASP A 170 40.28 -1.13 -70.07
N TYR A 171 40.21 0.08 -70.58
CA TYR A 171 39.19 1.04 -70.15
C TYR A 171 38.68 1.87 -71.34
N ALA A 172 37.47 2.40 -71.20
CA ALA A 172 36.90 3.27 -72.23
C ALA A 172 37.49 4.67 -72.11
N ARG A 173 37.76 5.28 -73.26
CA ARG A 173 38.40 6.60 -73.28
C ARG A 173 37.44 7.69 -73.69
N LEU A 174 37.57 8.85 -73.06
CA LEU A 174 36.76 10.01 -73.39
C LEU A 174 37.63 11.09 -74.02
N TYR A 175 37.45 11.31 -75.32
CA TYR A 175 38.15 12.38 -76.03
C TYR A 175 37.26 13.61 -76.18
N ILE A 176 37.74 14.76 -75.73
CA ILE A 176 37.02 16.02 -75.93
C ILE A 176 37.71 16.90 -76.96
N TRP A 177 37.02 17.18 -78.05
CA TRP A 177 37.56 17.99 -79.14
C TRP A 177 36.59 19.09 -79.54
N GLY A 178 37.08 20.07 -80.28
CA GLY A 178 36.27 21.22 -80.65
C GLY A 178 36.43 21.69 -82.08
N VAL A 179 35.56 22.62 -82.47
CA VAL A 179 35.59 23.21 -83.81
C VAL A 179 35.48 24.73 -83.70
N HIS A 180 36.45 25.44 -84.29
CA HIS A 180 36.51 26.89 -84.18
C HIS A 180 35.69 27.59 -85.27
N HIS A 181 34.89 28.57 -84.87
CA HIS A 181 34.07 29.34 -85.81
C HIS A 181 34.58 30.78 -85.93
N PRO A 182 35.20 31.13 -87.08
CA PRO A 182 35.72 32.48 -87.33
C PRO A 182 34.63 33.55 -87.54
N SER A 183 35.03 34.81 -87.62
CA SER A 183 34.06 35.90 -87.65
C SER A 183 33.71 36.41 -89.07
N THR A 184 34.69 36.47 -89.99
CA THR A 184 34.47 36.93 -91.38
C THR A 184 35.02 35.98 -92.49
N ASP A 185 35.44 36.54 -93.63
CA ASP A 185 36.11 35.73 -94.65
C ASP A 185 37.61 36.21 -94.77
N THR A 186 38.24 36.71 -93.69
CA THR A 186 39.69 37.09 -93.68
C THR A 186 40.44 36.34 -92.54
N GLU A 187 39.78 36.26 -91.39
CA GLU A 187 39.38 35.00 -90.72
C GLU A 187 40.16 33.67 -90.70
N GLN A 188 39.37 32.62 -90.66
CA GLN A 188 39.66 31.31 -91.25
C GLN A 188 40.90 31.45 -92.22
N THR A 189 40.83 31.72 -93.55
CA THR A 189 42.05 31.82 -94.46
C THR A 189 43.40 32.21 -93.83
N ASN A 190 43.42 33.11 -92.83
CA ASN A 190 44.68 33.44 -92.16
C ASN A 190 44.77 32.86 -90.74
N LEU A 191 43.72 32.13 -90.35
CA LEU A 191 43.81 31.11 -89.31
C LEU A 191 43.80 29.72 -89.97
N TYR A 192 43.09 29.61 -91.09
CA TYR A 192 42.78 28.35 -91.75
C TYR A 192 42.65 28.57 -93.26
N LYS A 193 43.78 28.79 -93.99
CA LYS A 193 43.87 28.64 -95.46
C LYS A 193 42.61 28.42 -96.23
N ASN A 194 42.21 27.15 -96.17
CA ASN A 194 41.14 26.54 -96.92
C ASN A 194 39.79 27.13 -96.58
N ASN A 195 38.80 26.97 -97.43
CA ASN A 195 37.46 27.44 -97.13
C ASN A 195 36.52 26.65 -98.05
N PRO A 196 35.54 25.97 -97.45
CA PRO A 196 35.26 25.91 -96.01
C PRO A 196 36.18 24.96 -95.23
N GLY A 197 36.18 25.08 -93.91
CA GLY A 197 36.95 24.17 -93.06
C GLY A 197 36.25 22.83 -92.93
N GLY A 198 36.42 22.17 -91.80
CA GLY A 198 35.71 20.94 -91.54
C GLY A 198 36.47 19.91 -90.73
N VAL A 199 35.75 19.24 -89.82
CA VAL A 199 36.32 18.19 -89.00
C VAL A 199 35.48 16.92 -89.07
N THR A 200 36.14 15.77 -89.18
CA THR A 200 35.44 14.48 -89.12
C THR A 200 36.10 13.56 -88.11
N VAL A 201 35.44 13.36 -86.98
CA VAL A 201 35.90 12.39 -85.99
C VAL A 201 35.04 11.15 -86.10
N SER A 202 35.67 9.99 -86.10
CA SER A 202 34.95 8.75 -86.30
C SER A 202 35.59 7.58 -85.56
N THR A 203 34.77 6.58 -85.25
CA THR A 203 35.24 5.30 -84.75
C THR A 203 34.88 4.25 -85.80
N LYS A 204 35.03 2.97 -85.47
CA LYS A 204 34.63 1.90 -86.38
C LYS A 204 33.14 1.92 -86.67
N THR A 205 32.35 2.25 -85.66
CA THR A 205 30.91 2.17 -85.79
C THR A 205 30.23 3.53 -85.66
N SER A 206 31.01 4.61 -85.78
CA SER A 206 30.44 5.94 -85.64
C SER A 206 31.18 7.01 -86.44
N GLN A 207 30.69 8.24 -86.32
CA GLN A 207 31.19 9.36 -87.11
C GLN A 207 30.65 10.67 -86.55
N THR A 208 31.27 11.77 -86.95
CA THR A 208 30.74 13.10 -86.66
C THR A 208 31.39 14.12 -87.58
N SER A 209 30.56 14.86 -88.32
CA SER A 209 31.08 15.84 -89.28
C SER A 209 30.56 17.24 -88.98
N VAL A 210 31.47 18.19 -88.82
CA VAL A 210 31.09 19.56 -88.49
C VAL A 210 31.60 20.56 -89.51
N VAL A 211 30.70 21.37 -90.03
CA VAL A 211 31.08 22.50 -90.86
C VAL A 211 31.09 23.75 -89.98
N PRO A 212 32.23 24.49 -89.99
CA PRO A 212 32.34 25.70 -89.17
C PRO A 212 31.33 26.75 -89.60
N ASN A 213 31.04 27.70 -88.72
CA ASN A 213 30.06 28.73 -89.04
C ASN A 213 30.62 30.12 -88.88
N ILE A 214 30.82 30.78 -90.01
CA ILE A 214 31.35 32.12 -89.98
C ILE A 214 30.28 33.20 -89.93
N GLY A 215 30.48 34.14 -89.02
CA GLY A 215 29.54 35.23 -88.78
C GLY A 215 30.07 35.94 -87.56
N SER A 216 29.59 37.15 -87.29
CA SER A 216 30.15 37.90 -86.16
C SER A 216 29.18 37.96 -84.98
N ARG A 217 29.64 37.40 -83.86
CA ARG A 217 28.85 37.34 -82.64
C ARG A 217 29.21 38.54 -81.76
N PRO A 218 28.49 38.74 -80.64
CA PRO A 218 28.94 39.79 -79.71
C PRO A 218 30.35 39.54 -79.21
N LEU A 219 31.02 40.57 -78.69
CA LEU A 219 32.37 40.39 -78.20
C LEU A 219 32.39 39.97 -76.75
N VAL A 220 32.96 38.80 -76.54
CA VAL A 220 33.07 38.18 -75.24
C VAL A 220 34.55 37.98 -74.93
N ARG A 221 35.00 38.60 -73.85
CA ARG A 221 36.42 38.64 -73.49
C ARG A 221 37.28 39.19 -74.64
N GLY A 222 36.68 40.06 -75.46
CA GLY A 222 37.38 40.66 -76.58
C GLY A 222 37.50 39.77 -77.81
N GLN A 223 36.48 38.96 -78.07
CA GLN A 223 36.44 38.06 -79.22
C GLN A 223 35.00 37.89 -79.71
N SER A 224 34.83 37.71 -81.03
CA SER A 224 33.52 37.40 -81.59
C SER A 224 33.53 36.03 -82.24
N GLY A 225 34.65 35.34 -82.12
CA GLY A 225 34.76 33.97 -82.58
C GLY A 225 34.32 33.01 -81.49
N ARG A 226 33.97 31.79 -81.86
CA ARG A 226 33.51 30.79 -80.90
C ARG A 226 34.12 29.42 -81.16
N VAL A 227 34.09 28.57 -80.14
CA VAL A 227 34.46 27.16 -80.31
C VAL A 227 33.31 26.27 -79.84
N SER A 228 32.92 25.32 -80.67
CA SER A 228 31.92 24.34 -80.26
C SER A 228 32.59 23.05 -79.85
N PHE A 229 32.29 22.55 -78.65
CA PHE A 229 32.94 21.35 -78.16
C PHE A 229 32.09 20.09 -78.33
N TYR A 230 32.78 18.99 -78.60
CA TYR A 230 32.16 17.69 -78.81
C TYR A 230 32.93 16.65 -78.02
N TRP A 231 32.45 15.42 -78.02
CA TRP A 231 33.18 14.34 -77.38
C TRP A 231 32.98 13.03 -78.11
N THR A 232 33.91 12.11 -77.92
CA THR A 232 33.82 10.78 -78.50
C THR A 232 34.31 9.76 -77.47
N ILE A 233 33.58 8.67 -77.33
CA ILE A 233 33.97 7.61 -76.41
C ILE A 233 34.52 6.42 -77.16
N VAL A 234 35.71 5.97 -76.76
CA VAL A 234 36.37 4.88 -77.44
C VAL A 234 36.48 3.65 -76.56
N GLU A 235 35.67 2.64 -76.86
CA GLU A 235 35.68 1.39 -76.12
C GLU A 235 36.97 0.62 -76.38
N PRO A 236 37.38 -0.23 -75.41
CA PRO A 236 38.51 -1.14 -75.63
C PRO A 236 38.29 -2.02 -76.86
N GLY A 237 39.22 -1.97 -77.80
CA GLY A 237 39.08 -2.72 -79.04
C GLY A 237 38.57 -1.87 -80.17
N ASP A 238 38.30 -0.60 -79.88
CA ASP A 238 37.88 0.36 -80.89
C ASP A 238 38.98 1.40 -81.08
N LEU A 239 38.79 2.30 -82.04
CA LEU A 239 39.74 3.40 -82.23
C LEU A 239 39.04 4.67 -82.70
N ILE A 240 39.83 5.72 -82.91
CA ILE A 240 39.29 7.02 -83.25
C ILE A 240 40.16 7.72 -84.32
N VAL A 241 39.49 8.39 -85.26
CA VAL A 241 40.17 9.04 -86.37
C VAL A 241 39.84 10.53 -86.46
N PHE A 242 40.87 11.37 -86.40
CA PHE A 242 40.68 12.82 -86.51
C PHE A 242 40.99 13.32 -87.92
N ASN A 243 39.94 13.65 -88.66
CA ASN A 243 40.06 14.09 -90.04
C ASN A 243 39.75 15.58 -90.16
N THR A 244 40.69 16.34 -90.70
CA THR A 244 40.52 17.79 -90.73
C THR A 244 41.20 18.47 -91.91
N ILE A 245 40.52 19.45 -92.48
CA ILE A 245 41.10 20.32 -93.49
C ILE A 245 41.04 21.77 -92.96
N GLY A 246 40.82 21.89 -91.66
CA GLY A 246 40.80 23.18 -90.99
C GLY A 246 39.82 23.24 -89.82
N ASN A 247 40.11 24.14 -88.89
CA ASN A 247 39.20 24.51 -87.78
C ASN A 247 39.12 23.53 -86.60
N LEU A 248 39.94 22.47 -86.62
CA LEU A 248 39.96 21.51 -85.53
C LEU A 248 40.61 22.08 -84.27
N ILE A 249 39.95 21.89 -83.14
CA ILE A 249 40.57 22.13 -81.84
C ILE A 249 40.95 20.78 -81.25
N ALA A 250 42.16 20.32 -81.56
CA ALA A 250 42.61 18.99 -81.22
C ALA A 250 42.66 18.73 -79.71
N PRO A 251 42.49 17.47 -79.30
CA PRO A 251 42.69 17.03 -77.92
C PRO A 251 44.16 16.75 -77.62
N ARG A 252 44.56 16.87 -76.36
CA ARG A 252 45.93 16.57 -75.96
C ARG A 252 46.01 15.16 -75.37
N GLY A 253 44.88 14.47 -75.36
CA GLY A 253 44.80 13.13 -74.80
C GLY A 253 43.36 12.71 -74.53
N HIS A 254 43.18 11.91 -73.49
CA HIS A 254 41.85 11.42 -73.15
C HIS A 254 41.66 11.31 -71.64
N TYR A 255 40.42 11.49 -71.21
CA TYR A 255 40.05 11.21 -69.83
C TYR A 255 39.72 9.72 -69.69
N LYS A 256 40.09 9.14 -68.56
CA LYS A 256 39.77 7.74 -68.31
C LYS A 256 38.34 7.61 -67.79
N LEU A 257 37.58 6.68 -68.35
CA LEU A 257 36.23 6.40 -67.87
C LEU A 257 36.21 5.17 -66.98
N ASN A 258 35.68 5.31 -65.77
CA ASN A 258 35.41 4.17 -64.92
C ASN A 258 34.39 3.24 -65.58
N ASN A 259 34.58 1.94 -65.42
CA ASN A 259 33.64 0.97 -65.99
C ASN A 259 32.25 1.19 -65.43
N GLN A 260 32.20 1.38 -64.11
CA GLN A 260 30.95 1.63 -63.42
C GLN A 260 31.00 3.05 -62.87
N LYS A 261 29.98 3.83 -63.22
CA LYS A 261 29.94 5.25 -62.88
C LYS A 261 28.86 5.51 -61.83
N LYS A 262 29.28 5.87 -60.62
CA LYS A 262 28.38 6.02 -59.48
C LYS A 262 28.30 7.42 -58.92
N SER A 263 28.94 8.37 -59.57
CA SER A 263 29.03 9.72 -59.01
C SER A 263 27.96 10.63 -59.56
N THR A 264 27.89 11.83 -59.01
CA THR A 264 26.97 12.84 -59.52
C THR A 264 27.45 14.24 -59.20
N ILE A 265 26.63 15.22 -59.55
CA ILE A 265 26.97 16.62 -59.35
C ILE A 265 25.87 17.33 -58.57
N LEU A 266 26.25 18.22 -57.68
CA LEU A 266 25.29 19.01 -56.91
C LEU A 266 25.63 20.49 -57.04
N ASN A 267 24.68 21.27 -57.56
CA ASN A 267 24.93 22.69 -57.76
C ASN A 267 24.41 23.51 -56.60
N THR A 268 25.32 24.09 -55.83
CA THR A 268 24.93 24.86 -54.66
C THR A 268 26.06 25.77 -54.19
N ALA A 269 25.68 26.82 -53.45
CA ALA A 269 26.65 27.79 -52.94
C ALA A 269 27.04 27.47 -51.51
N ILE A 270 26.38 26.49 -50.92
CA ILE A 270 26.62 26.10 -49.52
C ILE A 270 28.08 25.70 -49.31
N PRO A 271 28.70 26.20 -48.23
CA PRO A 271 30.11 25.89 -47.97
C PRO A 271 30.31 24.48 -47.40
N ILE A 272 31.48 23.91 -47.64
CA ILE A 272 31.82 22.61 -47.08
C ILE A 272 32.37 22.75 -45.68
N GLY A 273 31.80 21.99 -44.73
CA GLY A 273 32.14 22.13 -43.33
C GLY A 273 32.89 20.94 -42.76
N SER A 274 32.58 20.60 -41.51
CA SER A 274 33.31 19.58 -40.78
C SER A 274 32.44 18.41 -40.32
N CYS A 275 31.13 18.55 -40.51
CA CYS A 275 30.17 17.54 -40.04
C CYS A 275 30.27 16.21 -40.79
N VAL A 276 29.51 15.22 -40.32
CA VAL A 276 29.44 13.92 -40.97
C VAL A 276 27.99 13.59 -41.33
N SER A 277 27.76 13.32 -42.61
CA SER A 277 26.43 13.01 -43.12
C SER A 277 26.51 12.41 -44.51
N LYS A 278 25.58 11.52 -44.83
CA LYS A 278 25.60 10.85 -46.11
C LYS A 278 24.48 11.36 -47.03
N CYS A 279 23.81 12.43 -46.61
CA CYS A 279 22.73 13.02 -47.40
C CYS A 279 22.93 14.50 -47.65
N HIS A 280 22.98 14.89 -48.92
CA HIS A 280 23.26 16.27 -49.28
C HIS A 280 22.16 16.90 -50.14
N THR A 281 21.60 18.01 -49.67
CA THR A 281 20.68 18.79 -50.49
C THR A 281 21.38 20.05 -50.96
N ASP A 282 20.79 20.74 -51.93
CA ASP A 282 21.35 21.99 -52.40
C ASP A 282 21.23 23.09 -51.34
N LYS A 283 20.51 22.80 -50.26
CA LYS A 283 20.39 23.75 -49.15
C LYS A 283 21.36 23.38 -48.03
N GLY A 284 22.00 22.22 -48.17
CA GLY A 284 22.95 21.75 -47.17
C GLY A 284 22.70 20.30 -46.83
N SER A 285 23.61 19.72 -46.06
CA SER A 285 23.48 18.32 -45.65
C SER A 285 22.34 18.12 -44.66
N LEU A 286 21.76 16.93 -44.68
CA LEU A 286 20.75 16.53 -43.70
C LEU A 286 21.36 15.57 -42.70
N SER A 287 21.07 15.78 -41.42
CA SER A 287 21.51 14.85 -40.38
C SER A 287 20.29 14.32 -39.64
N THR A 288 19.82 13.15 -40.04
CA THR A 288 18.51 12.69 -39.59
C THR A 288 18.29 11.19 -39.77
N THR A 289 17.35 10.65 -39.00
CA THR A 289 16.95 9.27 -39.18
C THR A 289 15.51 9.20 -39.68
N LYS A 290 14.87 10.36 -39.80
CA LYS A 290 13.50 10.43 -40.30
C LYS A 290 13.41 9.90 -41.73
N PRO A 291 12.28 9.26 -42.07
CA PRO A 291 12.10 8.66 -43.39
C PRO A 291 11.74 9.68 -44.49
N PHE A 292 11.29 10.86 -44.10
CA PHE A 292 10.93 11.88 -45.09
C PHE A 292 11.59 13.23 -44.80
N GLN A 293 11.63 14.08 -45.82
CA GLN A 293 12.15 15.43 -45.70
C GLN A 293 11.38 16.35 -46.64
N ASN A 294 11.22 17.62 -46.24
CA ASN A 294 10.53 18.61 -47.09
C ASN A 294 11.47 19.74 -47.50
N ILE A 295 12.77 19.50 -47.39
CA ILE A 295 13.74 20.57 -47.55
C ILE A 295 14.06 20.86 -49.02
N SER A 296 14.27 19.82 -49.81
CA SER A 296 14.50 19.99 -51.23
C SER A 296 14.37 18.70 -52.02
N ARG A 297 13.75 18.79 -53.19
CA ARG A 297 13.70 17.68 -54.13
C ARG A 297 15.09 17.35 -54.66
N ILE A 298 15.99 18.32 -54.58
CA ILE A 298 17.36 18.11 -55.02
C ILE A 298 18.16 17.52 -53.87
N ALA A 299 18.33 16.21 -53.90
CA ALA A 299 18.92 15.48 -52.78
C ALA A 299 19.78 14.33 -53.29
N VAL A 300 20.97 14.21 -52.72
CA VAL A 300 21.94 13.24 -53.19
C VAL A 300 22.49 12.40 -52.05
N GLY A 301 22.63 11.10 -52.29
CA GLY A 301 23.24 10.21 -51.31
C GLY A 301 22.22 9.31 -50.65
N ASP A 302 22.38 9.13 -49.35
CA ASP A 302 21.48 8.31 -48.54
C ASP A 302 20.50 9.23 -47.81
N CYS A 303 19.38 9.53 -48.44
CA CYS A 303 18.49 10.60 -47.96
C CYS A 303 17.10 10.11 -47.60
N PRO A 304 16.40 10.86 -46.71
CA PRO A 304 14.97 10.62 -46.54
C PRO A 304 14.27 10.93 -47.84
N ARG A 305 13.06 10.43 -48.06
CA ARG A 305 12.36 10.74 -49.29
C ARG A 305 11.74 12.13 -49.23
N TYR A 306 11.81 12.86 -50.34
CA TYR A 306 11.25 14.21 -50.38
C TYR A 306 9.73 14.18 -50.52
N VAL A 307 9.05 14.94 -49.66
CA VAL A 307 7.59 15.04 -49.70
C VAL A 307 7.16 16.50 -49.57
N LYS A 308 5.89 16.78 -49.87
CA LYS A 308 5.35 18.13 -49.82
C LYS A 308 4.98 18.58 -48.40
N GLN A 309 4.55 17.65 -47.56
CA GLN A 309 4.09 18.03 -46.21
C GLN A 309 5.23 18.58 -45.36
N GLY A 310 4.92 19.63 -44.58
CA GLY A 310 5.87 20.17 -43.63
C GLY A 310 5.96 19.36 -42.35
N SER A 311 4.95 18.53 -42.10
CA SER A 311 4.93 17.72 -40.88
C SER A 311 4.03 16.50 -41.02
N LEU A 312 4.49 15.38 -40.47
CA LEU A 312 3.68 14.16 -40.37
C LEU A 312 4.00 13.43 -39.07
N LYS A 313 3.08 13.48 -38.12
CA LYS A 313 3.33 12.91 -36.79
C LYS A 313 2.82 11.48 -36.66
N LEU A 314 3.74 10.59 -36.29
CA LEU A 314 3.42 9.21 -36.00
C LEU A 314 3.10 9.05 -34.51
N ALA A 315 1.93 8.51 -34.20
CA ALA A 315 1.59 8.23 -32.80
C ALA A 315 2.52 7.15 -32.25
N THR A 316 3.08 7.40 -31.08
CA THR A 316 3.93 6.43 -30.41
C THR A 316 3.35 6.15 -29.02
N GLY A 317 2.09 6.52 -28.85
CA GLY A 317 1.39 6.29 -27.60
C GLY A 317 -0.12 6.30 -27.79
N MET A 318 -0.82 5.97 -26.71
CA MET A 318 -2.28 5.89 -26.71
C MET A 318 -2.92 7.27 -26.71
N ARG A 319 -4.24 7.30 -26.94
CA ARG A 319 -5.01 8.54 -26.81
C ARG A 319 -4.80 9.16 -25.43
N ASN A 320 -4.67 10.48 -25.40
CA ASN A 320 -4.47 11.20 -24.16
C ASN A 320 -5.77 11.78 -23.64
N ILE A 321 -6.25 11.26 -22.53
CA ILE A 321 -7.46 11.77 -21.89
C ILE A 321 -7.16 12.06 -20.41
N PRO A 322 -6.68 13.29 -20.13
CA PRO A 322 -6.16 13.59 -18.80
C PRO A 322 -7.25 13.78 -17.75
N GLU A 323 -6.80 14.09 -16.52
CA GLU A 323 -7.57 14.17 -15.28
C GLU A 323 -7.68 12.80 -14.61
N GLY B 1 -11.41 4.07 -30.01
CA GLY B 1 -10.88 2.88 -30.66
C GLY B 1 -11.94 1.78 -30.77
N LEU B 2 -11.57 0.68 -31.42
CA LEU B 2 -12.49 -0.42 -31.68
C LEU B 2 -13.06 -1.12 -30.43
N PHE B 3 -12.34 -1.09 -29.31
CA PHE B 3 -12.77 -1.88 -28.15
C PHE B 3 -13.54 -1.10 -27.10
N GLY B 4 -13.53 0.24 -27.22
CA GLY B 4 -14.37 1.07 -26.38
C GLY B 4 -13.90 1.15 -24.94
N ALA B 5 -12.63 0.86 -24.70
CA ALA B 5 -12.05 0.96 -23.37
C ALA B 5 -11.52 2.37 -23.13
N ILE B 6 -10.38 2.67 -23.76
CA ILE B 6 -9.81 4.02 -23.72
C ILE B 6 -10.74 5.01 -24.40
N ALA B 7 -11.06 6.09 -23.69
CA ALA B 7 -12.09 7.05 -24.11
C ALA B 7 -13.41 6.33 -24.31
N GLY B 8 -13.67 5.33 -23.47
CA GLY B 8 -14.87 4.54 -23.54
C GLY B 8 -15.42 4.29 -22.15
N PHE B 9 -15.57 3.03 -21.77
CA PHE B 9 -16.12 2.74 -20.44
C PHE B 9 -15.09 3.08 -19.37
N ILE B 10 -13.85 3.33 -19.78
CA ILE B 10 -12.87 3.95 -18.90
C ILE B 10 -12.88 5.43 -19.21
N GLU B 11 -13.36 6.23 -18.28
CA GLU B 11 -13.69 7.63 -18.56
C GLU B 11 -12.47 8.48 -18.88
N ASN B 12 -11.36 8.22 -18.19
CA ASN B 12 -10.14 8.97 -18.47
C ASN B 12 -8.90 8.24 -18.02
N GLY B 13 -7.75 8.81 -18.37
CA GLY B 13 -6.47 8.28 -17.94
C GLY B 13 -5.99 8.84 -16.61
N TRP B 14 -4.88 8.29 -16.13
CA TRP B 14 -4.33 8.65 -14.83
C TRP B 14 -3.01 9.37 -14.98
N GLN B 15 -2.98 10.66 -14.67
CA GLN B 15 -1.72 11.39 -14.73
C GLN B 15 -0.79 10.93 -13.62
N GLY B 16 -1.36 10.36 -12.57
CA GLY B 16 -0.60 9.82 -11.47
C GLY B 16 0.20 8.58 -11.80
N LEU B 17 -0.14 7.94 -12.92
CA LEU B 17 0.58 6.73 -13.33
C LEU B 17 1.77 7.06 -14.20
N ILE B 18 2.97 7.03 -13.63
CA ILE B 18 4.13 7.54 -14.33
C ILE B 18 5.18 6.48 -14.62
N ASP B 19 5.00 5.28 -14.07
CA ASP B 19 5.95 4.22 -14.36
C ASP B 19 5.31 3.08 -15.12
N GLY B 20 4.20 3.36 -15.81
CA GLY B 20 3.58 2.37 -16.67
C GLY B 20 2.56 2.93 -17.64
N TRP B 21 2.23 2.15 -18.67
CA TRP B 21 1.16 2.56 -19.58
C TRP B 21 -0.22 2.18 -19.05
N TYR B 22 -0.32 1.01 -18.43
CA TYR B 22 -1.57 0.53 -17.85
C TYR B 22 -1.30 0.17 -16.41
N GLY B 23 -2.34 0.07 -15.59
CA GLY B 23 -2.13 -0.31 -14.21
C GLY B 23 -3.40 -0.53 -13.43
N PHE B 24 -3.23 -0.72 -12.13
CA PHE B 24 -4.32 -0.99 -11.20
C PHE B 24 -4.44 0.14 -10.18
N ARG B 25 -5.68 0.56 -9.91
CA ARG B 25 -5.95 1.43 -8.78
C ARG B 25 -6.97 0.74 -7.88
N HIS B 26 -6.67 0.66 -6.59
CA HIS B 26 -7.54 -0.08 -5.69
C HIS B 26 -7.93 0.71 -4.45
N GLN B 27 -8.96 0.22 -3.77
CA GLN B 27 -9.34 0.73 -2.46
C GLN B 27 -9.82 -0.43 -1.61
N ASN B 28 -9.23 -0.55 -0.42
CA ASN B 28 -9.67 -1.56 0.53
C ASN B 28 -9.71 -0.95 1.93
N ALA B 29 -9.85 -1.80 2.95
CA ALA B 29 -9.96 -1.32 4.32
C ALA B 29 -8.71 -0.55 4.76
N GLU B 30 -7.53 -0.98 4.34
CA GLU B 30 -6.31 -0.31 4.82
C GLU B 30 -5.77 0.77 3.90
N GLY B 31 -6.55 1.19 2.90
CA GLY B 31 -6.15 2.31 2.07
C GLY B 31 -6.37 2.20 0.56
N THR B 32 -5.59 2.97 -0.18
CA THR B 32 -5.65 3.01 -1.64
C THR B 32 -4.26 2.92 -2.26
N GLY B 33 -4.21 2.68 -3.56
CA GLY B 33 -2.92 2.57 -4.23
C GLY B 33 -3.04 2.48 -5.73
N THR B 34 -2.01 2.95 -6.42
CA THR B 34 -1.90 2.82 -7.86
C THR B 34 -0.60 2.07 -8.17
N ALA B 35 -0.68 1.09 -9.05
CA ALA B 35 0.50 0.31 -9.46
C ALA B 35 0.45 -0.02 -10.95
N ALA B 36 1.60 0.05 -11.60
CA ALA B 36 1.69 -0.21 -13.04
C ALA B 36 1.59 -1.71 -13.34
N ASP B 37 1.02 -2.05 -14.49
CA ASP B 37 1.05 -3.43 -14.97
C ASP B 37 2.08 -3.54 -16.08
N LEU B 38 3.12 -4.33 -15.84
CA LEU B 38 4.27 -4.39 -16.73
C LEU B 38 3.98 -5.13 -18.03
N LYS B 39 3.26 -6.24 -17.92
CA LYS B 39 2.97 -7.11 -19.06
C LYS B 39 2.21 -6.35 -20.15
N SER B 40 1.09 -5.74 -19.78
CA SER B 40 0.27 -4.97 -20.72
C SER B 40 1.05 -3.79 -21.29
N THR B 41 1.78 -3.10 -20.42
CA THR B 41 2.61 -1.97 -20.82
C THR B 41 3.67 -2.37 -21.85
N GLN B 42 4.40 -3.44 -21.55
CA GLN B 42 5.45 -3.90 -22.44
C GLN B 42 4.90 -4.39 -23.77
N ALA B 43 3.73 -5.01 -23.76
CA ALA B 43 3.11 -5.51 -24.98
C ALA B 43 2.77 -4.36 -25.92
N ALA B 44 2.27 -3.28 -25.35
CA ALA B 44 1.94 -2.09 -26.14
C ALA B 44 3.21 -1.44 -26.68
N ILE B 45 4.22 -1.33 -25.82
CA ILE B 45 5.48 -0.70 -26.21
C ILE B 45 6.19 -1.51 -27.29
N ASP B 46 6.13 -2.83 -27.17
CA ASP B 46 6.78 -3.69 -28.14
C ASP B 46 6.16 -3.52 -29.53
N GLN B 47 4.83 -3.44 -29.59
CA GLN B 47 4.15 -3.30 -30.87
C GLN B 47 4.36 -1.92 -31.51
N ILE B 48 4.48 -0.89 -30.69
CA ILE B 48 4.72 0.46 -31.21
C ILE B 48 6.19 0.68 -31.60
N ASN B 49 7.12 0.28 -30.74
CA ASN B 49 8.53 0.37 -31.11
C ASN B 49 8.84 -0.54 -32.31
N GLY B 50 8.03 -1.58 -32.49
CA GLY B 50 8.16 -2.46 -33.64
C GLY B 50 7.81 -1.73 -34.93
N LYS B 51 6.73 -0.95 -34.89
CA LYS B 51 6.36 -0.08 -36.01
C LYS B 51 7.52 0.84 -36.36
N LEU B 52 7.97 1.60 -35.36
CA LEU B 52 9.03 2.59 -35.52
C LEU B 52 10.27 2.08 -36.24
N ASN B 53 10.67 0.86 -35.91
CA ASN B 53 11.89 0.31 -36.48
C ASN B 53 11.70 -0.13 -37.93
N ARG B 54 10.52 -0.65 -38.26
CA ARG B 54 10.19 -0.95 -39.65
C ARG B 54 10.11 0.34 -40.46
N LEU B 55 9.71 1.42 -39.80
CA LEU B 55 9.64 2.73 -40.42
C LEU B 55 11.04 3.25 -40.75
N ILE B 56 11.83 3.53 -39.72
CA ILE B 56 13.20 3.94 -39.95
C ILE B 56 14.00 2.67 -40.30
N GLU B 57 14.05 2.39 -41.60
CA GLU B 57 14.65 1.17 -42.11
C GLU B 57 15.32 1.14 -43.47
N LYS B 58 14.50 1.50 -44.45
CA LYS B 58 14.69 2.23 -45.69
C LYS B 58 16.00 2.90 -46.09
N THR B 59 16.59 2.44 -47.20
CA THR B 59 17.75 3.11 -47.76
C THR B 59 17.40 4.46 -48.37
N ASN B 60 16.85 4.38 -49.58
CA ASN B 60 16.79 5.46 -50.56
C ASN B 60 18.17 6.02 -50.84
N ASP B 61 19.02 5.20 -51.46
CA ASP B 61 20.41 5.56 -51.72
C ASP B 61 20.60 5.97 -53.19
N LYS B 62 20.38 7.24 -53.47
CA LYS B 62 20.37 7.72 -54.85
C LYS B 62 21.48 8.73 -55.14
N TYR B 63 22.15 8.54 -56.27
CA TYR B 63 23.22 9.44 -56.64
C TYR B 63 22.89 10.20 -57.91
N HIS B 64 23.24 9.65 -59.07
CA HIS B 64 22.98 10.38 -60.30
C HIS B 64 21.52 10.21 -60.72
N GLN B 65 20.81 11.32 -60.83
CA GLN B 65 19.39 11.31 -61.11
C GLN B 65 19.08 12.10 -62.38
N ILE B 66 18.34 13.20 -62.24
CA ILE B 66 18.09 14.11 -63.36
C ILE B 66 18.14 15.53 -62.85
N GLU B 67 18.28 16.49 -63.76
CA GLU B 67 18.19 17.90 -63.40
C GLU B 67 16.77 18.20 -62.92
N LYS B 68 16.67 19.04 -61.89
CA LYS B 68 15.37 19.33 -61.29
C LYS B 68 15.09 20.82 -61.15
N GLU B 69 16.07 21.65 -61.51
CA GLU B 69 15.91 23.11 -61.45
C GLU B 69 16.41 23.75 -62.75
N PHE B 70 15.65 24.71 -63.26
CA PHE B 70 15.93 25.27 -64.58
C PHE B 70 15.82 26.79 -64.61
N GLU B 71 16.79 27.42 -65.27
CA GLU B 71 16.80 28.88 -65.41
C GLU B 71 15.67 29.35 -66.33
N GLN B 72 15.74 28.92 -67.58
CA GLN B 72 14.75 29.29 -68.59
C GLN B 72 14.17 28.03 -69.24
N VAL B 73 12.92 28.11 -69.66
CA VAL B 73 12.26 26.99 -70.34
C VAL B 73 12.94 26.64 -71.66
N GLU B 74 12.93 25.36 -72.01
CA GLU B 74 13.51 24.87 -73.26
C GLU B 74 12.47 24.14 -74.09
N GLY B 75 11.39 23.70 -73.45
CA GLY B 75 10.34 22.97 -74.14
C GLY B 75 10.18 21.52 -73.76
N ARG B 76 10.00 20.68 -74.77
CA ARG B 76 9.58 19.29 -74.64
C ARG B 76 10.34 18.45 -73.61
N ILE B 77 11.66 18.37 -73.75
CA ILE B 77 12.47 17.53 -72.88
C ILE B 77 12.40 18.04 -71.42
N GLN B 78 12.46 19.35 -71.25
CA GLN B 78 12.38 19.92 -69.91
C GLN B 78 11.01 19.66 -69.28
N ASP B 79 9.95 19.72 -70.08
CA ASP B 79 8.59 19.49 -69.61
C ASP B 79 8.47 18.10 -69.00
N LEU B 80 9.03 17.13 -69.70
CA LEU B 80 9.03 15.74 -69.27
C LEU B 80 9.84 15.57 -67.98
N GLU B 81 11.03 16.14 -67.93
CA GLU B 81 11.86 16.04 -66.73
C GLU B 81 11.15 16.60 -65.51
N LYS B 82 10.46 17.71 -65.68
CA LYS B 82 9.72 18.33 -64.59
C LYS B 82 8.50 17.50 -64.22
N TYR B 83 7.82 16.95 -65.22
CA TYR B 83 6.61 16.16 -65.01
C TYR B 83 6.93 14.87 -64.26
N VAL B 84 8.03 14.22 -64.63
CA VAL B 84 8.48 13.00 -63.97
C VAL B 84 8.74 13.26 -62.49
N GLU B 85 9.47 14.33 -62.19
CA GLU B 85 9.80 14.63 -60.80
C GLU B 85 8.55 15.03 -60.02
N ASP B 86 7.66 15.79 -60.66
CA ASP B 86 6.44 16.22 -60.00
C ASP B 86 5.53 15.03 -59.73
N THR B 87 5.48 14.10 -60.66
CA THR B 87 4.69 12.88 -60.51
C THR B 87 5.23 12.03 -59.36
N LYS B 88 6.55 11.88 -59.32
CA LYS B 88 7.23 11.17 -58.24
C LYS B 88 6.89 11.75 -56.87
N ILE B 89 7.00 13.07 -56.75
CA ILE B 89 6.78 13.74 -55.46
C ILE B 89 5.35 13.58 -54.96
N ASP B 90 4.38 13.71 -55.84
CA ASP B 90 2.99 13.53 -55.48
C ASP B 90 2.71 12.11 -54.98
N LEU B 91 3.31 11.14 -55.65
CA LEU B 91 3.07 9.74 -55.28
C LEU B 91 3.70 9.43 -53.92
N TRP B 92 4.89 9.96 -53.68
CA TRP B 92 5.55 9.73 -52.40
C TRP B 92 4.90 10.52 -51.28
N SER B 93 4.33 11.68 -51.59
CA SER B 93 3.65 12.47 -50.59
C SER B 93 2.37 11.76 -50.18
N TYR B 94 1.70 11.16 -51.16
CA TYR B 94 0.50 10.37 -50.89
C TYR B 94 0.86 9.18 -50.00
N ASN B 95 1.91 8.46 -50.37
CA ASN B 95 2.38 7.34 -49.58
C ASN B 95 2.64 7.71 -48.12
N ALA B 96 3.31 8.84 -47.93
CA ALA B 96 3.63 9.34 -46.60
C ALA B 96 2.35 9.66 -45.83
N GLU B 97 1.40 10.31 -46.48
CA GLU B 97 0.16 10.71 -45.83
C GLU B 97 -0.65 9.49 -45.39
N LEU B 98 -0.77 8.53 -46.29
CA LEU B 98 -1.55 7.33 -46.02
C LEU B 98 -0.88 6.45 -44.96
N LEU B 99 0.44 6.31 -45.03
CA LEU B 99 1.18 5.48 -44.10
C LEU B 99 0.92 5.93 -42.65
N VAL B 100 1.09 7.21 -42.40
CA VAL B 100 0.93 7.77 -41.07
C VAL B 100 -0.51 7.61 -40.58
N ALA B 101 -1.49 7.84 -41.45
CA ALA B 101 -2.88 7.68 -41.05
C ALA B 101 -3.19 6.21 -40.72
N LEU B 102 -2.68 5.29 -41.53
CA LEU B 102 -2.85 3.86 -41.26
C LEU B 102 -2.18 3.44 -39.97
N GLU B 103 -0.92 3.83 -39.80
CA GLU B 103 -0.18 3.45 -38.60
C GLU B 103 -0.87 3.98 -37.35
N ASN B 104 -1.26 5.25 -37.40
CA ASN B 104 -1.86 5.89 -36.23
C ASN B 104 -3.21 5.26 -35.90
N GLN B 105 -3.99 4.95 -36.93
CA GLN B 105 -5.27 4.28 -36.71
C GLN B 105 -5.04 2.97 -35.99
N HIS B 106 -3.99 2.26 -36.41
CA HIS B 106 -3.67 0.96 -35.85
C HIS B 106 -3.09 1.05 -34.45
N THR B 107 -2.22 2.04 -34.23
CA THR B 107 -1.60 2.24 -32.93
C THR B 107 -2.68 2.51 -31.88
N ILE B 108 -3.69 3.30 -32.26
CA ILE B 108 -4.75 3.63 -31.33
C ILE B 108 -5.61 2.42 -31.00
N ASP B 109 -5.87 1.59 -32.00
CA ASP B 109 -6.61 0.35 -31.78
C ASP B 109 -5.82 -0.64 -30.92
N VAL B 110 -4.52 -0.71 -31.16
CA VAL B 110 -3.65 -1.58 -30.38
C VAL B 110 -3.64 -1.19 -28.89
N THR B 111 -3.52 0.10 -28.61
CA THR B 111 -3.47 0.53 -27.22
C THR B 111 -4.82 0.38 -26.55
N ASP B 112 -5.90 0.61 -27.30
CA ASP B 112 -7.25 0.38 -26.81
C ASP B 112 -7.45 -1.11 -26.49
N SER B 113 -6.96 -1.96 -27.39
CA SER B 113 -7.04 -3.41 -27.23
C SER B 113 -6.27 -3.91 -26.00
N GLU B 114 -5.05 -3.40 -25.81
CA GLU B 114 -4.23 -3.83 -24.67
C GLU B 114 -4.88 -3.43 -23.34
N MET B 115 -5.54 -2.28 -23.32
CA MET B 115 -6.29 -1.87 -22.14
C MET B 115 -7.40 -2.87 -21.86
N ASN B 116 -8.10 -3.25 -22.92
CA ASN B 116 -9.21 -4.19 -22.79
C ASN B 116 -8.74 -5.58 -22.39
N LYS B 117 -7.59 -6.02 -22.90
CA LYS B 117 -7.03 -7.33 -22.53
C LYS B 117 -6.70 -7.40 -21.05
N LEU B 118 -6.20 -6.30 -20.51
CA LEU B 118 -5.87 -6.23 -19.09
C LEU B 118 -7.12 -6.37 -18.26
N PHE B 119 -8.15 -5.60 -18.63
CA PHE B 119 -9.42 -5.66 -17.92
C PHE B 119 -9.97 -7.08 -17.93
N GLU B 120 -10.00 -7.68 -19.12
CA GLU B 120 -10.52 -9.04 -19.28
C GLU B 120 -9.71 -10.07 -18.49
N ARG B 121 -8.39 -9.90 -18.48
CA ARG B 121 -7.52 -10.76 -17.69
C ARG B 121 -7.92 -10.74 -16.22
N VAL B 122 -8.11 -9.55 -15.67
CA VAL B 122 -8.45 -9.42 -14.27
C VAL B 122 -9.85 -9.96 -14.01
N ARG B 123 -10.77 -9.69 -14.94
CA ARG B 123 -12.13 -10.22 -14.84
C ARG B 123 -12.10 -11.72 -14.66
N ARG B 124 -11.30 -12.39 -15.48
CA ARG B 124 -11.27 -13.84 -15.44
C ARG B 124 -10.61 -14.36 -14.17
N GLN B 125 -9.61 -13.64 -13.65
CA GLN B 125 -9.00 -13.99 -12.37
C GLN B 125 -10.01 -14.05 -11.23
N LEU B 126 -10.92 -13.09 -11.21
CA LEU B 126 -11.83 -12.87 -10.10
C LEU B 126 -13.02 -13.83 -10.08
N ARG B 127 -13.32 -14.45 -11.22
CA ARG B 127 -14.44 -15.40 -11.33
C ARG B 127 -15.73 -14.83 -10.77
N GLU B 128 -16.29 -15.53 -9.78
CA GLU B 128 -17.56 -15.15 -9.19
C GLU B 128 -17.42 -14.29 -7.92
N ASN B 129 -16.21 -13.83 -7.64
CA ASN B 129 -15.98 -13.08 -6.39
C ASN B 129 -16.12 -11.59 -6.53
N ALA B 130 -16.47 -11.12 -7.72
CA ALA B 130 -16.52 -9.70 -8.01
C ALA B 130 -17.50 -9.37 -9.13
N GLU B 131 -17.87 -8.10 -9.24
CA GLU B 131 -18.79 -7.64 -10.27
C GLU B 131 -18.28 -6.39 -10.95
N ASP B 132 -18.42 -6.36 -12.27
CA ASP B 132 -18.06 -5.22 -13.09
C ASP B 132 -18.96 -4.04 -12.75
N LYS B 133 -18.38 -2.93 -12.30
CA LYS B 133 -19.16 -1.74 -11.99
C LYS B 133 -19.48 -0.90 -13.23
N GLY B 134 -18.77 -1.15 -14.33
CA GLY B 134 -19.07 -0.48 -15.58
C GLY B 134 -18.10 0.61 -16.02
N ASN B 135 -17.19 0.97 -15.13
CA ASN B 135 -16.24 2.05 -15.38
C ASN B 135 -14.81 1.56 -15.39
N GLY B 136 -14.62 0.28 -15.69
CA GLY B 136 -13.30 -0.32 -15.64
C GLY B 136 -12.93 -0.79 -14.24
N CYS B 137 -13.89 -0.75 -13.33
CA CYS B 137 -13.67 -1.16 -11.93
C CYS B 137 -14.47 -2.39 -11.55
N PHE B 138 -13.89 -3.21 -10.69
CA PHE B 138 -14.58 -4.35 -10.10
C PHE B 138 -14.88 -4.11 -8.64
N GLU B 139 -16.13 -4.33 -8.24
CA GLU B 139 -16.44 -4.41 -6.82
C GLU B 139 -16.11 -5.82 -6.35
N ILE B 140 -15.23 -5.91 -5.36
CA ILE B 140 -14.81 -7.21 -4.83
C ILE B 140 -15.61 -7.56 -3.57
N PHE B 141 -16.33 -8.68 -3.60
CA PHE B 141 -17.29 -8.97 -2.54
C PHE B 141 -16.70 -9.77 -1.37
N HIS B 142 -15.48 -9.43 -1.00
CA HIS B 142 -14.84 -10.04 0.17
C HIS B 142 -13.70 -9.14 0.62
N LYS B 143 -13.33 -9.24 1.90
CA LYS B 143 -12.18 -8.52 2.42
C LYS B 143 -10.94 -8.88 1.61
N CYS B 144 -10.22 -7.85 1.19
CA CYS B 144 -9.06 -8.03 0.34
C CYS B 144 -7.98 -7.07 0.81
N ASP B 145 -7.05 -7.55 1.63
CA ASP B 145 -6.00 -6.71 2.17
C ASP B 145 -4.93 -6.47 1.13
N ASN B 146 -3.85 -5.79 1.51
CA ASN B 146 -2.81 -5.44 0.57
C ASN B 146 -2.18 -6.64 -0.12
N ASN B 147 -2.03 -7.73 0.61
CA ASN B 147 -1.49 -8.95 0.03
C ASN B 147 -2.47 -9.59 -0.95
N CYS B 148 -3.76 -9.49 -0.63
CA CYS B 148 -4.79 -9.99 -1.51
C CYS B 148 -4.77 -9.19 -2.83
N ILE B 149 -4.76 -7.87 -2.73
CA ILE B 149 -4.67 -6.99 -3.88
C ILE B 149 -3.46 -7.31 -4.75
N GLU B 150 -2.29 -7.41 -4.13
CA GLU B 150 -1.08 -7.75 -4.86
C GLU B 150 -1.19 -9.11 -5.53
N SER B 151 -1.86 -10.06 -4.89
CA SER B 151 -2.04 -11.38 -5.51
C SER B 151 -2.86 -11.27 -6.80
N ILE B 152 -3.84 -10.38 -6.80
CA ILE B 152 -4.60 -10.08 -8.01
C ILE B 152 -3.69 -9.48 -9.08
N ARG B 153 -2.88 -8.48 -8.71
CA ARG B 153 -2.01 -7.81 -9.69
C ARG B 153 -0.89 -8.70 -10.24
N ASN B 154 -0.40 -9.67 -9.48
CA ASN B 154 0.69 -10.49 -9.99
C ASN B 154 0.25 -11.89 -10.41
N GLY B 155 -1.06 -12.09 -10.49
CA GLY B 155 -1.59 -13.31 -11.09
C GLY B 155 -1.70 -14.54 -10.19
N THR B 156 -1.51 -14.38 -8.89
CA THR B 156 -1.53 -15.53 -8.00
C THR B 156 -2.82 -15.66 -7.18
N TYR B 157 -3.75 -14.72 -7.38
CA TYR B 157 -5.04 -14.72 -6.68
C TYR B 157 -5.77 -16.04 -6.92
N ASP B 158 -6.20 -16.66 -5.83
CA ASP B 158 -6.92 -17.95 -5.89
C ASP B 158 -8.36 -17.75 -5.45
N HIS B 159 -9.26 -17.66 -6.42
CA HIS B 159 -10.65 -17.31 -6.17
C HIS B 159 -11.35 -18.26 -5.18
N ASP B 160 -10.95 -19.53 -5.16
CA ASP B 160 -11.59 -20.51 -4.27
C ASP B 160 -11.39 -20.19 -2.80
N ILE B 161 -10.32 -19.47 -2.47
CA ILE B 161 -10.08 -19.04 -1.09
C ILE B 161 -11.22 -18.20 -0.54
N TYR B 162 -11.74 -17.29 -1.35
CA TYR B 162 -12.75 -16.33 -0.90
C TYR B 162 -14.17 -16.58 -1.43
N ARG B 163 -14.32 -17.60 -2.27
CA ARG B 163 -15.58 -17.81 -3.01
C ARG B 163 -16.81 -17.92 -2.11
N ASP B 164 -16.70 -18.68 -1.01
CA ASP B 164 -17.83 -18.81 -0.08
C ASP B 164 -18.24 -17.45 0.49
N GLU B 165 -17.26 -16.67 0.95
CA GLU B 165 -17.52 -15.32 1.44
C GLU B 165 -18.12 -14.42 0.34
N ALA B 166 -17.58 -14.49 -0.87
CA ALA B 166 -18.03 -13.61 -1.96
C ALA B 166 -19.46 -13.95 -2.42
N ILE B 167 -19.72 -15.22 -2.70
CA ILE B 167 -21.07 -15.68 -3.08
C ILE B 167 -22.13 -15.24 -2.06
N ASN B 168 -21.81 -15.34 -0.78
CA ASN B 168 -22.75 -14.97 0.26
C ASN B 168 -23.01 -13.47 0.30
N ASN B 169 -21.96 -12.67 0.09
CA ASN B 169 -22.13 -11.23 0.06
C ASN B 169 -22.87 -10.76 -1.19
N ARG B 170 -22.65 -11.42 -2.32
CA ARG B 170 -23.28 -11.01 -3.57
C ARG B 170 -24.78 -11.23 -3.59
N PHE B 171 -25.21 -12.41 -3.14
CA PHE B 171 -26.58 -12.84 -3.35
C PHE B 171 -27.46 -12.78 -2.10
N GLN B 172 -26.87 -12.39 -0.98
CA GLN B 172 -27.64 -12.18 0.25
C GLN B 172 -27.11 -10.97 1.01
N GLY C 5 9.37 16.58 -1.86
CA GLY C 5 9.24 17.30 -0.61
C GLY C 5 7.79 17.43 -0.24
N ASN C 6 7.14 16.29 -0.06
CA ASN C 6 5.72 16.21 -0.31
C ASN C 6 4.97 14.94 0.19
N PRO C 7 5.66 13.78 0.30
CA PRO C 7 4.98 12.71 1.03
C PRO C 7 4.76 13.03 2.51
N VAL C 8 3.73 12.44 3.10
CA VAL C 8 3.36 12.73 4.48
C VAL C 8 3.17 11.41 5.25
N ILE C 9 3.63 11.36 6.49
CA ILE C 9 3.28 10.23 7.34
C ILE C 9 2.72 10.70 8.68
N CYS C 10 1.59 10.14 9.08
CA CYS C 10 0.90 10.56 10.30
C CYS C 10 0.86 9.45 11.34
N MET C 11 1.05 9.83 12.59
CA MET C 11 0.97 8.88 13.69
C MET C 11 -0.31 9.11 14.46
N GLY C 12 -1.04 8.04 14.73
CA GLY C 12 -2.35 8.17 15.34
C GLY C 12 -2.77 6.99 16.17
N HIS C 13 -4.02 7.01 16.63
CA HIS C 13 -4.53 5.99 17.52
C HIS C 13 -5.95 5.61 17.11
N HIS C 14 -6.43 4.48 17.60
CA HIS C 14 -7.75 3.99 17.25
C HIS C 14 -8.85 4.81 17.89
N ALA C 15 -10.07 4.53 17.46
CA ALA C 15 -11.26 5.08 18.08
C ALA C 15 -12.44 4.19 17.70
N VAL C 16 -13.53 4.31 18.47
CA VAL C 16 -14.79 3.66 18.10
C VAL C 16 -15.89 4.72 18.06
N ALA C 17 -17.05 4.35 17.53
CA ALA C 17 -18.17 5.27 17.42
C ALA C 17 -18.68 5.72 18.79
N ASN C 18 -18.84 4.76 19.70
CA ASN C 18 -19.37 5.08 21.03
C ASN C 18 -18.63 4.31 22.10
N GLY C 19 -17.89 5.02 22.95
CA GLY C 19 -17.11 4.40 24.01
C GLY C 19 -17.89 4.30 25.31
N THR C 20 -17.16 4.17 26.43
CA THR C 20 -17.79 4.05 27.75
C THR C 20 -17.30 5.18 28.68
N MET C 21 -18.22 5.73 29.48
CA MET C 21 -17.85 6.80 30.39
C MET C 21 -17.20 6.25 31.67
N VAL C 22 -16.11 6.87 32.10
CA VAL C 22 -15.46 6.49 33.35
C VAL C 22 -15.15 7.74 34.17
N LYS C 23 -14.76 7.52 35.42
CA LYS C 23 -14.36 8.62 36.30
C LYS C 23 -12.85 8.66 36.48
N THR C 24 -12.32 9.87 36.63
CA THR C 24 -10.95 10.07 37.09
C THR C 24 -10.95 10.93 38.34
N LEU C 25 -9.77 11.40 38.74
CA LEU C 25 -9.67 12.32 39.86
C LEU C 25 -10.38 13.65 39.56
N ALA C 26 -10.32 14.07 38.31
CA ALA C 26 -10.81 15.38 37.90
C ALA C 26 -12.21 15.34 37.32
N ASP C 27 -12.47 14.36 36.47
CA ASP C 27 -13.73 14.31 35.72
C ASP C 27 -14.53 13.04 36.05
N ASP C 28 -15.85 13.16 36.09
CA ASP C 28 -16.69 12.02 36.41
C ASP C 28 -17.33 11.43 35.15
N GLN C 29 -17.01 12.01 34.00
CA GLN C 29 -17.46 11.49 32.71
C GLN C 29 -16.41 11.67 31.63
N VAL C 30 -15.51 10.71 31.53
CA VAL C 30 -14.50 10.68 30.48
C VAL C 30 -14.78 9.47 29.62
N GLU C 31 -14.88 9.67 28.31
CA GLU C 31 -15.17 8.56 27.41
C GLU C 31 -13.90 7.84 26.96
N VAL C 32 -13.82 6.56 27.24
CA VAL C 32 -12.68 5.76 26.85
C VAL C 32 -13.15 4.64 25.93
N VAL C 33 -12.24 4.06 25.18
CA VAL C 33 -12.59 3.08 24.16
C VAL C 33 -13.22 1.80 24.76
N THR C 34 -12.57 1.24 25.77
CA THR C 34 -13.17 0.12 26.51
C THR C 34 -13.06 0.33 28.02
N ALA C 35 -13.94 -0.33 28.76
CA ALA C 35 -13.88 -0.31 30.22
C ALA C 35 -14.44 -1.59 30.80
N GLN C 36 -14.18 -1.83 32.08
CA GLN C 36 -14.60 -3.05 32.74
C GLN C 36 -15.31 -2.71 34.05
N GLU C 37 -16.49 -3.29 34.24
CA GLU C 37 -17.26 -3.09 35.47
C GLU C 37 -16.62 -3.85 36.62
N LEU C 38 -16.36 -3.18 37.74
CA LEU C 38 -15.71 -3.81 38.88
C LEU C 38 -16.69 -4.17 40.00
N VAL C 39 -17.92 -3.68 39.90
CA VAL C 39 -18.94 -3.99 40.91
C VAL C 39 -19.93 -5.05 40.43
N GLU C 40 -19.94 -6.20 41.09
CA GLU C 40 -20.90 -7.26 40.79
C GLU C 40 -22.30 -6.91 41.31
N SER C 41 -23.25 -6.70 40.40
CA SER C 41 -24.62 -6.37 40.80
C SER C 41 -25.62 -7.47 40.46
N GLN C 42 -25.13 -8.61 40.01
CA GLN C 42 -25.99 -9.75 39.69
C GLN C 42 -25.70 -10.92 40.60
N ASN C 43 -26.75 -11.59 41.07
CA ASN C 43 -26.56 -12.81 41.84
C ASN C 43 -27.38 -13.94 41.25
N LEU C 44 -27.00 -15.17 41.60
CA LEU C 44 -27.78 -16.34 41.24
C LEU C 44 -28.97 -16.48 42.18
N PRO C 45 -30.09 -17.01 41.66
CA PRO C 45 -31.29 -17.19 42.48
C PRO C 45 -31.23 -18.46 43.33
N GLU C 46 -30.02 -18.96 43.58
CA GLU C 46 -29.83 -20.18 44.33
C GLU C 46 -28.49 -20.21 45.07
N LEU C 47 -28.36 -21.08 46.05
CA LEU C 47 -27.09 -21.29 46.73
C LEU C 47 -26.35 -22.47 46.10
N CYS C 48 -25.05 -22.33 45.91
CA CYS C 48 -24.23 -23.39 45.31
C CYS C 48 -23.67 -24.35 46.36
N PRO C 49 -23.93 -25.67 46.19
CA PRO C 49 -23.57 -26.67 47.19
C PRO C 49 -22.11 -27.12 47.12
N SER C 50 -21.36 -26.54 46.20
CA SER C 50 -19.95 -26.87 46.02
C SER C 50 -19.21 -25.59 45.70
N PRO C 51 -17.93 -25.47 46.12
CA PRO C 51 -17.11 -26.44 46.85
C PRO C 51 -17.18 -26.33 48.37
N LEU C 52 -18.02 -25.45 48.90
CA LEU C 52 -18.23 -25.40 50.35
C LEU C 52 -19.34 -26.36 50.75
N ARG C 53 -19.26 -26.92 51.95
CA ARG C 53 -20.30 -27.81 52.45
C ARG C 53 -21.45 -27.03 53.07
N LEU C 54 -22.60 -27.06 52.41
CA LEU C 54 -23.80 -26.44 52.94
C LEU C 54 -24.73 -27.48 53.57
N VAL C 55 -25.20 -27.18 54.77
CA VAL C 55 -26.21 -28.01 55.43
C VAL C 55 -27.49 -27.21 55.59
N ASP C 56 -28.57 -27.69 54.97
CA ASP C 56 -29.88 -27.03 55.05
C ASP C 56 -30.60 -27.43 56.32
N GLY C 57 -30.93 -26.45 57.15
CA GLY C 57 -31.64 -26.70 58.39
C GLY C 57 -33.07 -27.14 58.12
N GLN C 58 -33.63 -26.63 57.02
CA GLN C 58 -35.03 -26.86 56.65
C GLN C 58 -35.80 -26.27 57.84
N THR C 59 -36.69 -27.06 58.45
CA THR C 59 -37.64 -26.54 59.43
C THR C 59 -37.02 -26.29 60.80
N CYS C 60 -35.76 -26.67 60.98
CA CYS C 60 -35.09 -26.43 62.25
C CYS C 60 -34.04 -25.34 62.14
N ASP C 61 -34.12 -24.34 63.02
CA ASP C 61 -32.99 -23.42 63.16
C ASP C 61 -31.90 -24.17 63.92
N ILE C 62 -30.73 -23.56 64.04
CA ILE C 62 -29.59 -24.31 64.56
C ILE C 62 -29.73 -24.62 66.05
N ILE C 63 -30.48 -23.79 66.78
CA ILE C 63 -30.67 -24.00 68.20
C ILE C 63 -31.55 -25.23 68.44
N ASN C 64 -32.69 -25.27 67.77
CA ASN C 64 -33.58 -26.42 67.84
C ASN C 64 -32.88 -27.69 67.37
N GLY C 65 -32.00 -27.56 66.37
CA GLY C 65 -31.23 -28.68 65.88
C GLY C 65 -30.28 -29.24 66.94
N ALA C 66 -29.68 -28.33 67.71
CA ALA C 66 -28.75 -28.73 68.76
C ALA C 66 -29.49 -29.39 69.91
N LEU C 67 -30.67 -28.87 70.22
CA LEU C 67 -31.48 -29.40 71.32
C LEU C 67 -32.10 -30.74 70.95
N GLY C 68 -32.31 -30.95 69.65
CA GLY C 68 -32.91 -32.17 69.16
C GLY C 68 -34.43 -32.12 69.20
N SER C 69 -34.99 -31.01 68.72
CA SER C 69 -36.43 -30.86 68.62
C SER C 69 -37.00 -31.77 67.54
N PRO C 70 -38.30 -32.08 67.61
CA PRO C 70 -38.92 -32.93 66.59
C PRO C 70 -38.73 -32.37 65.18
N GLY C 71 -38.25 -33.19 64.26
CA GLY C 71 -38.05 -32.77 62.88
C GLY C 71 -36.61 -32.42 62.58
N CYS C 72 -35.76 -32.45 63.60
CA CYS C 72 -34.36 -32.04 63.46
C CYS C 72 -33.40 -33.21 63.45
N ASP C 73 -33.93 -34.43 63.43
CA ASP C 73 -33.09 -35.61 63.54
C ASP C 73 -32.19 -35.77 62.31
N HIS C 74 -32.62 -35.20 61.19
CA HIS C 74 -31.81 -35.26 59.97
C HIS C 74 -30.50 -34.49 60.14
N LEU C 75 -30.47 -33.59 61.13
CA LEU C 75 -29.28 -32.79 61.39
C LEU C 75 -28.25 -33.50 62.27
N ASN C 76 -28.59 -34.70 62.75
CA ASN C 76 -27.65 -35.47 63.55
C ASN C 76 -26.42 -35.85 62.73
N GLY C 77 -25.24 -35.66 63.30
CA GLY C 77 -24.00 -36.01 62.63
C GLY C 77 -23.58 -35.04 61.54
N ALA C 78 -24.40 -34.02 61.30
CA ALA C 78 -24.16 -33.05 60.22
C ALA C 78 -22.85 -32.29 60.38
N GLU C 79 -22.19 -32.03 59.26
CA GLU C 79 -20.96 -31.24 59.24
C GLU C 79 -21.08 -30.19 58.14
N TRP C 80 -20.70 -28.94 58.45
CA TRP C 80 -20.91 -27.85 57.52
C TRP C 80 -19.80 -26.81 57.53
N ASP C 81 -19.55 -26.23 56.36
CA ASP C 81 -18.83 -24.97 56.27
C ASP C 81 -19.82 -23.84 56.58
N VAL C 82 -21.02 -23.94 56.01
CA VAL C 82 -22.05 -22.93 56.20
C VAL C 82 -23.40 -23.56 56.51
N PHE C 83 -23.93 -23.27 57.69
CA PHE C 83 -25.25 -23.73 58.07
C PHE C 83 -26.32 -22.82 57.46
N ILE C 84 -27.19 -23.40 56.65
CA ILE C 84 -28.26 -22.64 56.02
C ILE C 84 -29.51 -22.68 56.90
N GLU C 85 -29.80 -21.57 57.56
CA GLU C 85 -30.91 -21.49 58.50
C GLU C 85 -32.08 -20.78 57.84
N ARG C 86 -33.26 -21.40 57.89
CA ARG C 86 -34.40 -20.88 57.13
C ARG C 86 -35.25 -19.93 57.96
N PRO C 87 -35.65 -18.79 57.36
CA PRO C 87 -36.52 -17.80 58.01
C PRO C 87 -37.86 -18.38 58.45
N ASN C 88 -38.40 -19.34 57.71
CA ASN C 88 -39.69 -19.93 58.07
C ASN C 88 -39.54 -21.17 58.95
N ALA C 89 -38.43 -21.25 59.68
CA ALA C 89 -38.25 -22.32 60.66
C ALA C 89 -39.24 -22.14 61.80
N VAL C 90 -39.76 -23.25 62.31
CA VAL C 90 -40.77 -23.19 63.36
C VAL C 90 -40.40 -24.07 64.55
N ASP C 91 -40.71 -23.58 65.75
CA ASP C 91 -40.54 -24.39 66.95
C ASP C 91 -41.51 -25.55 66.92
N THR C 92 -41.03 -26.73 67.30
CA THR C 92 -41.87 -27.92 67.34
C THR C 92 -41.83 -28.60 68.70
N CYS C 93 -41.37 -27.88 69.71
CA CYS C 93 -41.13 -28.49 71.01
C CYS C 93 -41.55 -27.61 72.17
N TYR C 94 -41.13 -28.00 73.38
CA TYR C 94 -41.47 -27.27 74.60
C TYR C 94 -41.00 -25.83 74.52
N PRO C 95 -41.87 -24.88 74.90
CA PRO C 95 -41.50 -23.46 74.86
C PRO C 95 -40.25 -23.17 75.68
N PHE C 96 -39.27 -22.52 75.06
CA PHE C 96 -37.99 -22.27 75.72
C PHE C 96 -37.43 -20.89 75.38
N ASP C 97 -36.39 -20.50 76.11
CA ASP C 97 -35.60 -19.34 75.76
C ASP C 97 -34.13 -19.61 76.10
N VAL C 98 -33.25 -18.77 75.59
CA VAL C 98 -31.83 -18.87 75.92
C VAL C 98 -31.30 -17.49 76.29
N PRO C 99 -30.95 -17.30 77.58
CA PRO C 99 -30.42 -16.04 78.11
C PRO C 99 -29.35 -15.38 77.23
N GLU C 100 -28.39 -16.15 76.75
CA GLU C 100 -27.43 -15.62 75.79
C GLU C 100 -27.62 -16.31 74.45
N TYR C 101 -28.81 -16.15 73.89
CA TYR C 101 -29.23 -16.87 72.68
C TYR C 101 -28.24 -16.73 71.52
N GLN C 102 -27.94 -15.49 71.13
CA GLN C 102 -27.07 -15.28 69.99
C GLN C 102 -25.69 -15.86 70.23
N SER C 103 -25.23 -15.84 71.48
CA SER C 103 -23.90 -16.37 71.79
C SER C 103 -23.84 -17.89 71.61
N LEU C 104 -24.87 -18.59 72.08
CA LEU C 104 -24.96 -20.04 71.89
C LEU C 104 -25.09 -20.37 70.40
N ARG C 105 -25.91 -19.61 69.71
CA ARG C 105 -26.11 -19.79 68.27
C ARG C 105 -24.79 -19.63 67.51
N SER C 106 -24.00 -18.64 67.93
CA SER C 106 -22.70 -18.38 67.32
C SER C 106 -21.74 -19.55 67.49
N ILE C 107 -21.69 -20.08 68.71
CA ILE C 107 -20.82 -21.20 69.06
C ILE C 107 -21.14 -22.43 68.23
N LEU C 108 -22.43 -22.75 68.13
CA LEU C 108 -22.87 -23.91 67.36
C LEU C 108 -22.54 -23.74 65.89
N ALA C 109 -22.81 -22.54 65.36
CA ALA C 109 -22.58 -22.26 63.95
C ALA C 109 -21.10 -22.30 63.61
N ASN C 110 -20.31 -21.64 64.45
CA ASN C 110 -18.88 -21.53 64.24
C ASN C 110 -18.20 -22.89 64.34
N ASN C 111 -18.65 -23.69 65.31
CA ASN C 111 -18.09 -25.02 65.54
C ASN C 111 -18.18 -25.94 64.33
N GLY C 112 -19.30 -25.91 63.62
CA GLY C 112 -19.40 -26.54 62.31
C GLY C 112 -19.80 -28.01 62.25
N LYS C 113 -20.18 -28.60 63.38
CA LYS C 113 -20.69 -29.97 63.35
C LYS C 113 -21.62 -30.29 64.51
N PHE C 114 -22.53 -31.21 64.26
CA PHE C 114 -23.40 -31.77 65.29
C PHE C 114 -22.96 -33.20 65.57
N GLU C 115 -21.89 -33.36 66.34
CA GLU C 115 -21.39 -34.68 66.70
C GLU C 115 -21.68 -34.95 68.17
N PHE C 116 -22.81 -35.61 68.43
CA PHE C 116 -23.25 -35.84 69.80
C PHE C 116 -22.71 -37.15 70.35
N ILE C 117 -22.31 -37.12 71.62
CA ILE C 117 -21.79 -38.30 72.29
C ILE C 117 -22.61 -38.60 73.53
N ALA C 118 -23.33 -39.72 73.49
CA ALA C 118 -24.17 -40.13 74.60
C ALA C 118 -23.35 -40.52 75.82
N GLU C 119 -23.80 -40.10 76.99
CA GLU C 119 -23.20 -40.50 78.26
C GLU C 119 -24.30 -40.94 79.22
N GLU C 120 -23.97 -41.90 80.09
CA GLU C 120 -24.94 -42.36 81.07
C GLU C 120 -24.79 -41.59 82.37
N PHE C 121 -25.85 -40.87 82.74
CA PHE C 121 -25.90 -40.18 84.02
C PHE C 121 -26.69 -41.00 85.03
N GLN C 122 -26.02 -41.43 86.10
CA GLN C 122 -26.70 -42.20 87.14
C GLN C 122 -27.50 -41.29 88.09
N TRP C 123 -28.59 -40.74 87.57
CA TRP C 123 -29.49 -39.91 88.37
C TRP C 123 -30.11 -40.80 89.43
N ASN C 124 -30.32 -40.24 90.61
CA ASN C 124 -30.54 -41.15 91.71
C ASN C 124 -31.99 -41.63 91.94
N THR C 125 -32.86 -40.92 92.66
CA THR C 125 -34.18 -41.56 92.88
C THR C 125 -35.16 -41.11 91.81
N VAL C 126 -34.81 -40.00 91.19
CA VAL C 126 -35.69 -39.29 90.27
C VAL C 126 -36.10 -40.11 89.05
N LYS C 127 -37.33 -39.87 88.60
CA LYS C 127 -37.79 -40.44 87.35
C LYS C 127 -37.19 -39.64 86.21
N GLN C 128 -37.00 -40.29 85.07
CA GLN C 128 -36.37 -39.66 83.93
C GLN C 128 -37.31 -39.58 82.74
N ASN C 129 -36.82 -38.96 81.67
CA ASN C 129 -37.50 -38.96 80.37
C ASN C 129 -38.89 -38.34 80.40
N GLY C 130 -39.06 -37.29 81.18
CA GLY C 130 -40.31 -36.55 81.19
C GLY C 130 -40.61 -36.00 79.82
N LYS C 131 -41.90 -35.96 79.46
CA LYS C 131 -42.31 -35.53 78.13
C LYS C 131 -43.40 -34.45 78.22
N SER C 132 -43.92 -34.05 77.06
CA SER C 132 -44.93 -32.99 77.01
C SER C 132 -45.74 -33.01 75.71
N GLY C 133 -46.92 -32.41 75.76
CA GLY C 133 -47.79 -32.35 74.60
C GLY C 133 -47.38 -31.22 73.67
N ALA C 134 -46.50 -30.36 74.18
CA ALA C 134 -45.99 -29.24 73.41
C ALA C 134 -44.89 -29.71 72.46
N CYS C 135 -44.37 -30.90 72.74
CA CYS C 135 -43.27 -31.47 71.97
C CYS C 135 -43.62 -32.85 71.43
N LYS C 136 -44.75 -32.95 70.75
CA LYS C 136 -45.24 -34.24 70.25
C LYS C 136 -44.36 -34.82 69.14
N ARG C 137 -44.22 -36.14 69.15
CA ARG C 137 -43.54 -36.85 68.07
C ARG C 137 -44.38 -38.05 67.66
N ALA C 138 -45.07 -37.92 66.53
CA ALA C 138 -46.05 -38.90 66.07
C ALA C 138 -47.16 -39.09 67.11
N ASN C 139 -47.80 -37.98 67.46
CA ASN C 139 -48.94 -37.96 68.38
C ASN C 139 -48.65 -38.38 69.81
N VAL C 140 -47.43 -38.82 70.07
CA VAL C 140 -47.03 -39.15 71.43
C VAL C 140 -46.30 -37.97 72.06
N ASN C 141 -46.67 -37.63 73.29
CA ASN C 141 -45.95 -36.62 74.04
C ASN C 141 -44.46 -36.97 74.09
N ASP C 142 -43.61 -35.98 73.84
CA ASP C 142 -42.17 -36.23 73.78
C ASP C 142 -41.37 -35.02 74.26
N PHE C 143 -40.07 -35.00 73.97
CA PHE C 143 -39.20 -33.94 74.44
C PHE C 143 -37.96 -33.78 73.55
N PHE C 144 -37.12 -32.79 73.86
CA PHE C 144 -35.84 -32.62 73.16
C PHE C 144 -35.03 -33.90 73.34
N ASN C 145 -34.57 -34.51 72.25
CA ASN C 145 -33.93 -35.81 72.40
C ASN C 145 -32.48 -35.71 72.88
N ARG C 146 -32.00 -34.49 73.08
CA ARG C 146 -30.67 -34.29 73.65
C ARG C 146 -30.77 -33.96 75.14
N LEU C 147 -32.00 -33.72 75.60
CA LEU C 147 -32.23 -33.34 76.98
C LEU C 147 -32.99 -34.42 77.75
N ASN C 148 -32.82 -34.44 79.07
CA ASN C 148 -33.48 -35.43 79.93
C ASN C 148 -34.23 -34.77 81.07
N TRP C 149 -35.56 -34.76 80.98
CA TRP C 149 -36.41 -34.15 82.00
C TRP C 149 -36.51 -35.04 83.23
N LEU C 150 -36.02 -34.54 84.36
CA LEU C 150 -36.00 -35.30 85.60
C LEU C 150 -37.09 -34.82 86.55
N VAL C 151 -37.82 -35.76 87.14
CA VAL C 151 -38.86 -35.43 88.11
C VAL C 151 -38.80 -36.36 89.33
N LYS C 152 -39.55 -36.00 90.37
CA LYS C 152 -39.58 -36.80 91.59
C LYS C 152 -40.16 -38.20 91.35
N SER C 153 -39.71 -39.16 92.15
CA SER C 153 -40.18 -40.54 92.04
C SER C 153 -41.63 -40.69 92.48
N ASP C 154 -42.15 -41.91 92.37
CA ASP C 154 -43.51 -42.21 92.82
C ASP C 154 -43.59 -42.19 94.34
N GLY C 155 -42.45 -42.46 94.98
CA GLY C 155 -42.34 -42.35 96.42
C GLY C 155 -42.21 -40.90 96.83
N ASN C 156 -42.41 -40.00 95.87
CA ASN C 156 -42.41 -38.55 96.06
C ASN C 156 -41.07 -38.18 96.69
N ALA C 157 -40.00 -38.31 95.92
CA ALA C 157 -38.66 -38.12 96.47
C ALA C 157 -37.72 -37.55 95.45
N TYR C 158 -37.28 -36.34 95.71
CA TYR C 158 -36.34 -35.69 94.82
C TYR C 158 -35.09 -35.33 95.63
N PRO C 159 -34.13 -36.26 95.71
CA PRO C 159 -32.89 -36.07 96.46
C PRO C 159 -31.89 -35.15 95.75
N LEU C 160 -31.09 -34.44 96.55
CA LEU C 160 -30.04 -33.58 96.03
C LEU C 160 -29.14 -34.34 95.05
N GLN C 161 -29.29 -34.05 93.77
CA GLN C 161 -28.51 -34.70 92.72
C GLN C 161 -27.12 -34.07 92.63
N ASN C 162 -26.12 -34.88 92.31
CA ASN C 162 -24.74 -34.44 92.38
C ASN C 162 -23.83 -35.35 91.55
N LEU C 163 -23.79 -35.08 90.24
CA LEU C 163 -23.11 -35.94 89.29
C LEU C 163 -21.92 -35.25 88.65
N THR C 164 -20.85 -36.00 88.44
CA THR C 164 -19.62 -35.46 87.89
C THR C 164 -19.20 -36.19 86.62
N LYS C 165 -18.82 -35.42 85.60
CA LYS C 165 -18.28 -35.98 84.37
C LYS C 165 -16.91 -35.40 84.11
N ILE C 166 -15.90 -36.27 84.05
CA ILE C 166 -14.53 -35.84 83.91
C ILE C 166 -14.05 -35.99 82.46
N ASN C 167 -13.43 -34.92 81.96
CA ASN C 167 -12.92 -34.90 80.59
C ASN C 167 -11.46 -35.29 80.52
N ASN C 168 -11.20 -36.55 80.17
CA ASN C 168 -9.83 -37.00 79.94
C ASN C 168 -9.63 -37.35 78.48
N GLY C 169 -10.56 -36.93 77.65
CA GLY C 169 -10.44 -37.07 76.20
C GLY C 169 -9.53 -35.99 75.65
N ASP C 170 -9.42 -35.93 74.33
CA ASP C 170 -8.51 -34.99 73.69
C ASP C 170 -9.27 -33.89 72.93
N TYR C 171 -10.46 -33.56 73.38
CA TYR C 171 -11.27 -32.53 72.75
C TYR C 171 -12.15 -31.83 73.78
N ALA C 172 -12.42 -30.54 73.57
CA ALA C 172 -13.32 -29.83 74.46
C ALA C 172 -14.76 -30.29 74.24
N ARG C 173 -15.55 -30.29 75.31
CA ARG C 173 -16.91 -30.77 75.24
C ARG C 173 -17.93 -29.67 75.48
N LEU C 174 -19.03 -29.71 74.73
CA LEU C 174 -20.13 -28.78 74.92
C LEU C 174 -21.33 -29.46 75.55
N TYR C 175 -21.65 -29.07 76.79
CA TYR C 175 -22.82 -29.58 77.49
C TYR C 175 -23.94 -28.57 77.46
N ILE C 176 -25.08 -28.96 76.88
CA ILE C 176 -26.24 -28.09 76.88
C ILE C 176 -27.25 -28.63 77.88
N TRP C 177 -27.58 -27.80 78.86
CA TRP C 177 -28.51 -28.17 79.93
C TRP C 177 -29.50 -27.04 80.14
N GLY C 178 -30.60 -27.35 80.81
CA GLY C 178 -31.67 -26.38 81.00
C GLY C 178 -32.24 -26.33 82.40
N VAL C 179 -33.08 -25.34 82.65
CA VAL C 179 -33.76 -25.19 83.93
C VAL C 179 -35.24 -24.93 83.68
N HIS C 180 -36.10 -25.71 84.34
CA HIS C 180 -37.53 -25.62 84.11
C HIS C 180 -38.21 -24.61 85.02
N HIS C 181 -39.10 -23.80 84.46
CA HIS C 181 -39.85 -22.79 85.22
C HIS C 181 -41.34 -23.13 85.24
N PRO C 182 -41.84 -23.64 86.38
CA PRO C 182 -43.26 -23.96 86.55
C PRO C 182 -44.15 -22.71 86.61
N SER C 183 -45.46 -22.89 86.44
CA SER C 183 -46.40 -21.76 86.45
C SER C 183 -46.91 -21.44 87.85
N THR C 184 -47.21 -22.47 88.62
CA THR C 184 -47.62 -22.31 90.03
C THR C 184 -46.77 -23.21 90.91
N ASP C 185 -46.86 -23.05 92.23
CA ASP C 185 -46.02 -23.85 93.13
C ASP C 185 -46.61 -25.21 93.45
N THR C 186 -47.87 -25.44 93.10
CA THR C 186 -48.40 -26.78 93.20
C THR C 186 -47.84 -27.54 91.99
N GLU C 187 -47.65 -26.81 90.90
CA GLU C 187 -46.97 -27.36 89.73
C GLU C 187 -45.54 -27.73 90.10
N GLN C 188 -44.87 -26.83 90.83
CA GLN C 188 -43.52 -27.09 91.33
C GLN C 188 -43.47 -28.34 92.20
N THR C 189 -44.36 -28.39 93.19
CA THR C 189 -44.39 -29.51 94.13
C THR C 189 -44.78 -30.83 93.47
N ASN C 190 -45.77 -30.79 92.57
CA ASN C 190 -46.21 -31.99 91.87
C ASN C 190 -45.16 -32.55 90.92
N LEU C 191 -44.16 -31.73 90.62
CA LEU C 191 -43.09 -32.13 89.70
C LEU C 191 -41.78 -32.37 90.44
N TYR C 192 -41.31 -31.33 91.09
CA TYR C 192 -40.11 -31.41 91.89
C TYR C 192 -40.48 -31.07 93.32
N LYS C 193 -40.93 -32.08 94.07
CA LYS C 193 -41.01 -32.05 95.54
C LYS C 193 -40.70 -30.74 96.23
N ASN C 194 -39.42 -30.39 96.18
CA ASN C 194 -38.87 -29.27 96.92
C ASN C 194 -39.31 -27.91 96.39
N ASN C 195 -39.24 -26.92 97.26
CA ASN C 195 -39.53 -25.54 96.89
C ASN C 195 -38.77 -24.61 97.81
N PRO C 196 -37.89 -23.77 97.22
CA PRO C 196 -37.65 -23.65 95.78
C PRO C 196 -36.68 -24.69 95.24
N GLY C 197 -36.63 -24.81 93.91
CA GLY C 197 -35.65 -25.67 93.26
C GLY C 197 -34.31 -24.99 93.18
N GLY C 198 -33.42 -25.51 92.34
CA GLY C 198 -32.11 -24.91 92.18
C GLY C 198 -31.14 -25.78 91.42
N VAL C 199 -30.38 -25.17 90.53
CA VAL C 199 -29.38 -25.90 89.74
C VAL C 199 -28.03 -25.21 89.86
N THR C 200 -26.97 -26.00 90.04
CA THR C 200 -25.63 -25.47 90.00
C THR C 200 -24.72 -26.36 89.15
N VAL C 201 -24.30 -25.83 88.00
CA VAL C 201 -23.36 -26.51 87.14
C VAL C 201 -22.02 -25.83 87.28
N SER C 202 -20.97 -26.62 87.52
CA SER C 202 -19.67 -26.05 87.82
C SER C 202 -18.54 -26.84 87.21
N THR C 203 -17.42 -26.15 86.95
CA THR C 203 -16.17 -26.79 86.57
C THR C 203 -15.15 -26.45 87.64
N LYS C 204 -13.88 -26.69 87.37
CA LYS C 204 -12.84 -26.33 88.30
C LYS C 204 -12.72 -24.81 88.43
N THR C 205 -13.10 -24.09 87.37
CA THR C 205 -12.90 -22.64 87.33
C THR C 205 -14.12 -21.84 86.88
N SER C 206 -15.27 -22.51 86.72
CA SER C 206 -16.48 -21.83 86.23
C SER C 206 -17.74 -22.38 86.90
N GLN C 207 -18.52 -21.49 87.52
CA GLN C 207 -19.70 -21.91 88.29
C GLN C 207 -20.97 -21.17 87.85
N THR C 208 -22.03 -21.90 87.51
CA THR C 208 -23.31 -21.24 87.20
C THR C 208 -24.44 -21.73 88.11
N SER C 209 -25.10 -20.80 88.77
CA SER C 209 -26.23 -21.12 89.65
C SER C 209 -27.52 -20.46 89.17
N VAL C 210 -28.56 -21.26 88.98
CA VAL C 210 -29.84 -20.74 88.52
C VAL C 210 -30.96 -21.01 89.53
N VAL C 211 -31.77 -19.99 89.79
CA VAL C 211 -32.95 -20.13 90.63
C VAL C 211 -34.20 -20.01 89.78
N PRO C 212 -35.04 -21.06 89.77
CA PRO C 212 -36.24 -21.11 88.94
C PRO C 212 -37.18 -19.92 89.16
N ASN C 213 -37.98 -19.61 88.16
CA ASN C 213 -38.91 -18.48 88.24
C ASN C 213 -40.34 -18.91 87.96
N ILE C 214 -41.12 -19.02 89.02
CA ILE C 214 -42.49 -19.48 88.92
C ILE C 214 -43.41 -18.31 88.58
N GLY C 215 -44.35 -18.56 87.67
CA GLY C 215 -45.24 -17.51 87.19
C GLY C 215 -46.09 -17.94 86.00
N SER C 216 -47.16 -17.21 85.76
CA SER C 216 -48.09 -17.54 84.69
C SER C 216 -47.71 -16.82 83.40
N ARG C 217 -47.38 -17.61 82.38
CA ARG C 217 -47.03 -17.08 81.06
C ARG C 217 -48.17 -17.34 80.07
N PRO C 218 -48.09 -16.73 78.88
CA PRO C 218 -49.05 -17.10 77.83
C PRO C 218 -48.97 -18.58 77.47
N LEU C 219 -50.02 -19.11 76.87
CA LEU C 219 -50.04 -20.51 76.45
C LEU C 219 -49.31 -20.67 75.12
N VAL C 220 -48.17 -21.35 75.16
CA VAL C 220 -47.45 -21.69 73.94
C VAL C 220 -47.46 -23.20 73.75
N ARG C 221 -48.14 -23.65 72.69
CA ARG C 221 -48.39 -25.07 72.46
C ARG C 221 -49.13 -25.67 73.66
N GLY C 222 -50.05 -24.89 74.23
CA GLY C 222 -50.84 -25.33 75.36
C GLY C 222 -50.05 -25.50 76.65
N GLN C 223 -48.99 -24.71 76.82
CA GLN C 223 -48.19 -24.75 78.03
C GLN C 223 -47.80 -23.36 78.49
N SER C 224 -47.82 -23.16 79.81
CA SER C 224 -47.43 -21.88 80.40
C SER C 224 -46.08 -21.99 81.09
N GLY C 225 -45.56 -23.20 81.19
CA GLY C 225 -44.23 -23.43 81.72
C GLY C 225 -43.18 -23.12 80.66
N ARG C 226 -41.92 -23.00 81.11
CA ARG C 226 -40.82 -22.66 80.20
C ARG C 226 -39.53 -23.40 80.57
N VAL C 227 -38.61 -23.48 79.63
CA VAL C 227 -37.27 -24.00 79.90
C VAL C 227 -36.23 -22.97 79.45
N SER C 228 -35.30 -22.64 80.33
CA SER C 228 -34.18 -21.77 79.97
C SER C 228 -32.93 -22.61 79.77
N PHE C 229 -32.31 -22.49 78.61
CA PHE C 229 -31.16 -23.32 78.28
C PHE C 229 -29.82 -22.60 78.49
N TYR C 230 -28.86 -23.37 78.98
CA TYR C 230 -27.51 -22.87 79.25
C TYR C 230 -26.52 -23.83 78.62
N TRP C 231 -25.24 -23.45 78.63
CA TRP C 231 -24.21 -24.36 78.15
C TRP C 231 -22.95 -24.26 78.99
N THR C 232 -22.15 -25.31 78.93
CA THR C 232 -20.90 -25.36 79.64
C THR C 232 -19.89 -26.03 78.74
N ILE C 233 -18.74 -25.38 78.55
CA ILE C 233 -17.65 -25.97 77.80
C ILE C 233 -16.64 -26.56 78.78
N VAL C 234 -16.27 -27.81 78.53
CA VAL C 234 -15.35 -28.51 79.43
C VAL C 234 -14.10 -28.90 78.67
N GLU C 235 -13.01 -28.19 78.95
CA GLU C 235 -11.73 -28.45 78.30
C GLU C 235 -11.17 -29.79 78.76
N PRO C 236 -10.27 -30.39 77.97
CA PRO C 236 -9.57 -31.60 78.43
C PRO C 236 -8.84 -31.34 79.74
N GLY C 237 -8.90 -32.31 80.66
CA GLY C 237 -8.26 -32.15 81.95
C GLY C 237 -9.13 -31.40 82.94
N ASP C 238 -10.28 -30.93 82.47
CA ASP C 238 -11.26 -30.30 83.35
C ASP C 238 -12.46 -31.24 83.50
N LEU C 239 -13.44 -30.84 84.29
CA LEU C 239 -14.62 -31.67 84.49
C LEU C 239 -15.84 -30.81 84.80
N ILE C 240 -17.00 -31.43 84.85
CA ILE C 240 -18.25 -30.73 85.07
C ILE C 240 -19.06 -31.41 86.16
N VAL C 241 -19.71 -30.61 87.01
CA VAL C 241 -20.51 -31.11 88.12
C VAL C 241 -21.93 -30.57 88.07
N PHE C 242 -22.91 -31.47 87.94
CA PHE C 242 -24.31 -31.07 87.97
C PHE C 242 -24.87 -31.23 89.38
N ASN C 243 -25.57 -30.21 89.86
CA ASN C 243 -26.03 -30.15 91.23
C ASN C 243 -27.43 -29.56 91.30
N THR C 244 -28.41 -30.34 91.75
CA THR C 244 -29.77 -29.81 91.74
C THR C 244 -30.69 -30.29 92.87
N ILE C 245 -31.52 -29.37 93.36
CA ILE C 245 -32.62 -29.70 94.26
C ILE C 245 -33.94 -29.31 93.62
N GLY C 246 -33.95 -29.22 92.30
CA GLY C 246 -35.16 -29.06 91.52
C GLY C 246 -34.93 -28.52 90.13
N ASN C 247 -35.82 -28.89 89.22
CA ASN C 247 -36.00 -28.17 87.96
C ASN C 247 -34.89 -28.35 86.91
N LEU C 248 -33.98 -29.29 87.13
CA LEU C 248 -32.91 -29.51 86.16
C LEU C 248 -33.42 -30.22 84.90
N ILE C 249 -33.10 -29.64 83.74
CA ILE C 249 -33.30 -30.32 82.47
C ILE C 249 -31.95 -30.86 82.05
N ALA C 250 -31.71 -32.13 82.39
CA ALA C 250 -30.38 -32.71 82.29
C ALA C 250 -29.97 -32.98 80.85
N PRO C 251 -28.65 -32.98 80.59
CA PRO C 251 -28.08 -33.38 79.29
C PRO C 251 -27.99 -34.89 79.15
N ARG C 252 -28.17 -35.40 77.94
CA ARG C 252 -28.03 -36.84 77.70
C ARG C 252 -26.63 -37.14 77.21
N GLY C 253 -25.75 -36.15 77.29
CA GLY C 253 -24.39 -36.28 76.80
C GLY C 253 -23.84 -34.93 76.38
N HIS C 254 -22.89 -34.95 75.45
CA HIS C 254 -22.24 -33.71 75.04
C HIS C 254 -21.96 -33.67 73.55
N TYR C 255 -21.83 -32.45 73.02
CA TYR C 255 -21.41 -32.25 71.64
C TYR C 255 -19.90 -32.12 71.58
N LYS C 256 -19.30 -32.61 70.51
CA LYS C 256 -17.87 -32.43 70.29
C LYS C 256 -17.58 -31.06 69.71
N LEU C 257 -16.56 -30.39 70.24
CA LEU C 257 -16.06 -29.16 69.65
C LEU C 257 -14.78 -29.42 68.86
N ASN C 258 -14.73 -28.94 67.62
CA ASN C 258 -13.49 -28.90 66.87
C ASN C 258 -12.48 -28.00 67.60
N ASN C 259 -11.21 -28.33 67.49
CA ASN C 259 -10.16 -27.46 68.03
C ASN C 259 -10.17 -26.13 67.29
N GLN C 260 -10.14 -26.24 65.97
CA GLN C 260 -10.21 -25.09 65.08
C GLN C 260 -11.65 -24.94 64.60
N LYS C 261 -12.23 -23.76 64.85
CA LYS C 261 -13.61 -23.49 64.46
C LYS C 261 -13.66 -22.51 63.28
N LYS C 262 -14.08 -23.00 62.12
CA LYS C 262 -13.97 -22.23 60.88
C LYS C 262 -15.30 -22.04 60.14
N SER C 263 -16.40 -22.49 60.73
CA SER C 263 -17.68 -22.49 60.03
C SER C 263 -18.52 -21.28 60.41
N THR C 264 -19.66 -21.14 59.75
CA THR C 264 -20.60 -20.08 60.11
C THR C 264 -22.03 -20.43 59.68
N ILE C 265 -22.90 -19.44 59.78
CA ILE C 265 -24.31 -19.63 59.52
C ILE C 265 -24.81 -18.53 58.61
N LEU C 266 -25.73 -18.88 57.72
CA LEU C 266 -26.34 -17.92 56.82
C LEU C 266 -27.86 -18.10 56.84
N ASN C 267 -28.57 -17.07 57.31
CA ASN C 267 -30.03 -17.12 57.36
C ASN C 267 -30.62 -16.62 56.06
N THR C 268 -31.20 -17.53 55.29
CA THR C 268 -31.79 -17.16 54.01
C THR C 268 -32.83 -18.18 53.55
N ALA C 269 -33.78 -17.73 52.74
CA ALA C 269 -34.84 -18.59 52.22
C ALA C 269 -34.48 -19.13 50.85
N ILE C 270 -33.36 -18.66 50.31
CA ILE C 270 -32.90 -19.05 48.99
C ILE C 270 -32.60 -20.54 48.94
N PRO C 271 -33.13 -21.24 47.91
CA PRO C 271 -32.95 -22.68 47.81
C PRO C 271 -31.55 -23.08 47.35
N ILE C 272 -31.11 -24.27 47.75
CA ILE C 272 -29.83 -24.80 47.30
C ILE C 272 -29.97 -25.41 45.91
N GLY C 273 -29.06 -25.05 45.00
CA GLY C 273 -29.14 -25.50 43.63
C GLY C 273 -28.03 -26.43 43.21
N SER C 274 -27.56 -26.28 41.97
CA SER C 274 -26.58 -27.22 41.40
C SER C 274 -25.36 -26.51 40.86
N CYS C 275 -25.29 -25.20 41.08
CA CYS C 275 -24.18 -24.39 40.57
C CYS C 275 -22.92 -24.55 41.41
N VAL C 276 -21.83 -23.93 40.97
CA VAL C 276 -20.57 -23.96 41.69
C VAL C 276 -20.13 -22.55 42.05
N SER C 277 -19.96 -22.29 43.35
CA SER C 277 -19.50 -20.98 43.82
C SER C 277 -18.97 -21.06 45.24
N LYS C 278 -18.03 -20.19 45.55
CA LYS C 278 -17.44 -20.14 46.87
C LYS C 278 -17.90 -18.89 47.64
N CYS C 279 -18.85 -18.15 47.06
CA CYS C 279 -19.37 -16.94 47.72
C CYS C 279 -20.88 -16.97 47.83
N HIS C 280 -21.36 -16.88 49.07
CA HIS C 280 -22.80 -16.95 49.34
C HIS C 280 -23.29 -15.70 50.06
N THR C 281 -24.29 -15.05 49.47
CA THR C 281 -24.97 -13.94 50.14
C THR C 281 -26.36 -14.42 50.55
N ASP C 282 -27.03 -13.66 51.41
CA ASP C 282 -28.38 -14.01 51.82
C ASP C 282 -29.36 -13.89 50.66
N LYS C 283 -28.92 -13.28 49.56
CA LYS C 283 -29.75 -13.16 48.36
C LYS C 283 -29.45 -14.27 47.35
N GLY C 284 -28.44 -15.07 47.64
CA GLY C 284 -28.01 -16.11 46.74
C GLY C 284 -26.52 -16.06 46.51
N SER C 285 -25.98 -17.09 45.86
CA SER C 285 -24.55 -17.15 45.58
C SER C 285 -24.12 -16.16 44.51
N LEU C 286 -22.86 -15.76 44.57
CA LEU C 286 -22.25 -14.91 43.54
C LEU C 286 -21.30 -15.72 42.69
N SER C 287 -21.34 -15.49 41.38
CA SER C 287 -20.42 -16.15 40.46
C SER C 287 -19.70 -15.11 39.62
N THR C 288 -18.55 -14.66 40.10
CA THR C 288 -17.95 -13.46 39.57
C THR C 288 -16.45 -13.40 39.87
N THR C 289 -15.72 -12.63 39.07
CA THR C 289 -14.31 -12.35 39.33
C THR C 289 -14.12 -10.90 39.78
N LYS C 290 -15.19 -10.11 39.71
CA LYS C 290 -15.13 -8.70 40.11
C LYS C 290 -14.70 -8.55 41.57
N PRO C 291 -13.93 -7.48 41.86
CA PRO C 291 -13.42 -7.31 43.22
C PRO C 291 -14.42 -6.73 44.20
N PHE C 292 -15.52 -6.16 43.70
CA PHE C 292 -16.53 -5.59 44.58
C PHE C 292 -17.92 -6.10 44.22
N GLN C 293 -18.85 -5.95 45.16
CA GLN C 293 -20.24 -6.32 44.93
C GLN C 293 -21.18 -5.41 45.74
N ASN C 294 -22.36 -5.13 45.21
CA ASN C 294 -23.32 -4.26 45.90
C ASN C 294 -24.59 -5.00 46.28
N ILE C 295 -24.51 -6.32 46.28
CA ILE C 295 -25.70 -7.15 46.43
C ILE C 295 -26.11 -7.28 47.89
N SER C 296 -25.16 -7.57 48.78
CA SER C 296 -25.49 -7.64 50.20
C SER C 296 -24.26 -7.59 51.10
N ARG C 297 -24.39 -6.91 52.22
CA ARG C 297 -23.33 -6.87 53.23
C ARG C 297 -23.20 -8.23 53.90
N ILE C 298 -24.26 -9.02 53.79
CA ILE C 298 -24.23 -10.37 54.35
C ILE C 298 -23.69 -11.31 53.29
N ALA C 299 -22.41 -11.65 53.42
CA ALA C 299 -21.69 -12.46 52.43
C ALA C 299 -20.68 -13.37 53.12
N VAL C 300 -20.66 -14.62 52.68
CA VAL C 300 -19.86 -15.66 53.32
C VAL C 300 -19.02 -16.42 52.30
N GLY C 301 -17.76 -16.66 52.63
CA GLY C 301 -16.88 -17.41 51.76
C GLY C 301 -15.84 -16.53 51.10
N ASP C 302 -15.47 -16.90 49.88
CA ASP C 302 -14.50 -16.14 49.09
C ASP C 302 -15.24 -15.11 48.24
N CYS C 303 -15.46 -13.92 48.80
CA CYS C 303 -16.39 -12.96 48.21
C CYS C 303 -15.75 -11.65 47.77
N PRO C 304 -16.38 -10.98 46.78
CA PRO C 304 -15.94 -9.61 46.49
C PRO C 304 -16.24 -8.76 47.71
N ARG C 305 -15.60 -7.60 47.83
CA ARG C 305 -15.91 -6.75 48.97
C ARG C 305 -17.20 -5.99 48.72
N TYR C 306 -18.02 -5.87 49.76
CA TYR C 306 -19.28 -5.15 49.65
C TYR C 306 -19.07 -3.64 49.68
N VAL C 307 -19.70 -2.94 48.74
CA VAL C 307 -19.57 -1.49 48.64
C VAL C 307 -20.93 -0.87 48.33
N LYS C 308 -21.05 0.44 48.55
CA LYS C 308 -22.33 1.12 48.33
C LYS C 308 -22.61 1.45 46.85
N GLN C 309 -21.57 1.61 46.04
CA GLN C 309 -21.77 2.00 44.64
C GLN C 309 -22.43 0.88 43.82
N GLY C 310 -23.35 1.28 42.95
CA GLY C 310 -23.96 0.35 42.01
C GLY C 310 -23.03 0.03 40.85
N SER C 311 -22.07 0.91 40.58
CA SER C 311 -21.21 0.72 39.42
C SER C 311 -19.89 1.47 39.55
N LEU C 312 -18.80 0.78 39.22
CA LEU C 312 -17.49 1.42 39.15
C LEU C 312 -16.72 0.90 37.93
N LYS C 313 -16.59 1.73 36.91
CA LYS C 313 -15.97 1.32 35.66
C LYS C 313 -14.48 1.61 35.60
N LEU C 314 -13.70 0.55 35.41
CA LEU C 314 -12.26 0.66 35.21
C LEU C 314 -11.94 0.83 33.73
N ALA C 315 -11.25 1.91 33.39
CA ALA C 315 -10.82 2.11 32.00
C ALA C 315 -9.83 1.01 31.60
N THR C 316 -10.05 0.41 30.43
CA THR C 316 -9.14 -0.59 29.89
C THR C 316 -8.65 -0.16 28.51
N GLY C 317 -8.87 1.12 28.21
CA GLY C 317 -8.44 1.66 26.93
C GLY C 317 -8.22 3.15 27.02
N MET C 318 -7.74 3.73 25.94
CA MET C 318 -7.45 5.15 25.85
C MET C 318 -8.73 5.95 25.71
N ARG C 319 -8.60 7.28 25.79
CA ARG C 319 -9.71 8.17 25.51
C ARG C 319 -10.24 7.95 24.10
N ASN C 320 -11.56 7.92 23.99
CA ASN C 320 -12.21 7.75 22.69
C ASN C 320 -12.57 9.07 22.06
N ILE C 321 -11.87 9.43 20.98
CA ILE C 321 -12.16 10.64 20.20
C ILE C 321 -12.43 10.25 18.74
N PRO C 322 -13.69 9.93 18.44
CA PRO C 322 -14.10 9.38 17.13
C PRO C 322 -14.02 10.38 15.96
N GLU C 323 -14.29 9.85 14.76
CA GLU C 323 -14.14 10.50 13.45
C GLU C 323 -12.71 10.36 12.91
N GLY D 1 -4.79 14.21 28.76
CA GLY D 1 -3.64 13.59 29.39
C GLY D 1 -2.44 14.52 29.50
N LEU D 2 -1.42 14.05 30.21
CA LEU D 2 -0.26 14.88 30.53
C LEU D 2 0.59 15.26 29.32
N PHE D 3 0.57 14.45 28.27
CA PHE D 3 1.48 14.67 27.14
C PHE D 3 0.89 15.47 26.00
N GLY D 4 -0.43 15.62 25.98
CA GLY D 4 -1.08 16.48 25.01
C GLY D 4 -1.12 15.92 23.61
N ALA D 5 -1.01 14.60 23.50
CA ALA D 5 -1.06 13.93 22.20
C ALA D 5 -2.48 13.52 21.87
N ILE D 6 -2.96 12.48 22.55
CA ILE D 6 -4.35 12.05 22.44
C ILE D 6 -5.27 13.17 22.90
N ALA D 7 -6.25 13.53 22.07
CA ALA D 7 -7.11 14.68 22.32
C ALA D 7 -6.27 15.94 22.54
N GLY D 8 -5.20 16.05 21.76
CA GLY D 8 -4.28 17.16 21.86
C GLY D 8 -3.81 17.58 20.49
N PHE D 9 -2.51 17.51 20.22
CA PHE D 9 -2.03 17.92 18.90
C PHE D 9 -2.42 16.86 17.87
N ILE D 10 -2.82 15.67 18.32
CA ILE D 10 -3.51 14.72 17.47
C ILE D 10 -5.00 14.94 17.68
N GLU D 11 -5.67 15.45 16.65
CA GLU D 11 -7.00 16.02 16.87
C GLU D 11 -8.06 14.95 17.11
N ASN D 12 -7.94 13.80 16.47
CA ASN D 12 -8.83 12.70 16.79
C ASN D 12 -8.22 11.35 16.48
N GLY D 13 -8.92 10.29 16.89
CA GLY D 13 -8.51 8.94 16.58
C GLY D 13 -9.11 8.42 15.29
N TRP D 14 -8.69 7.21 14.91
CA TRP D 14 -9.06 6.61 13.65
C TRP D 14 -9.96 5.39 13.84
N GLN D 15 -11.20 5.48 13.38
CA GLN D 15 -12.10 4.34 13.50
C GLN D 15 -11.71 3.23 12.53
N GLY D 16 -11.00 3.61 11.48
CA GLY D 16 -10.53 2.65 10.49
C GLY D 16 -9.40 1.76 10.99
N LEU D 17 -8.74 2.15 12.07
CA LEU D 17 -7.64 1.36 12.62
C LEU D 17 -8.18 0.29 13.58
N ILE D 18 -8.36 -0.92 13.08
CA ILE D 18 -9.07 -1.94 13.84
C ILE D 18 -8.21 -3.12 14.26
N ASP D 19 -6.94 -3.11 13.86
CA ASP D 19 -6.05 -4.19 14.26
C ASP D 19 -4.87 -3.66 15.09
N GLY D 20 -5.04 -2.49 15.69
CA GLY D 20 -4.00 -1.93 16.54
C GLY D 20 -4.48 -0.76 17.37
N TRP D 21 -3.75 -0.43 18.43
CA TRP D 21 -4.12 0.73 19.23
C TRP D 21 -3.53 2.01 18.66
N TYR D 22 -2.32 1.88 18.15
CA TYR D 22 -1.62 2.99 17.54
C TYR D 22 -1.19 2.58 16.16
N GLY D 23 -0.86 3.54 15.31
CA GLY D 23 -0.42 3.20 13.98
C GLY D 23 0.01 4.35 13.12
N PHE D 24 0.25 4.05 11.84
CA PHE D 24 0.72 5.00 10.85
C PHE D 24 -0.31 5.19 9.75
N ARG D 25 -0.49 6.44 9.33
CA ARG D 25 -1.26 6.74 8.13
C ARG D 25 -0.40 7.61 7.23
N HIS D 26 -0.24 7.20 5.98
CA HIS D 26 0.65 7.90 5.06
C HIS D 26 -0.01 8.28 3.75
N GLN D 27 0.67 9.14 3.01
CA GLN D 27 0.30 9.48 1.64
C GLN D 27 1.58 9.72 0.86
N ASN D 28 1.75 8.99 -0.24
CA ASN D 28 2.87 9.23 -1.15
C ASN D 28 2.38 9.27 -2.60
N ALA D 29 3.32 9.18 -3.54
CA ALA D 29 2.97 9.20 -4.96
C ALA D 29 2.10 8.00 -5.35
N GLU D 30 2.33 6.86 -4.71
CA GLU D 30 1.61 5.62 -5.01
C GLU D 30 0.21 5.54 -4.40
N GLY D 31 -0.09 6.38 -3.42
CA GLY D 31 -1.39 6.30 -2.75
C GLY D 31 -1.34 6.55 -1.25
N THR D 32 -2.28 5.92 -0.54
CA THR D 32 -2.42 6.09 0.92
C THR D 32 -2.59 4.77 1.63
N GLY D 33 -2.27 4.74 2.93
CA GLY D 33 -2.42 3.53 3.71
C GLY D 33 -2.44 3.74 5.20
N THR D 34 -3.06 2.80 5.91
CA THR D 34 -3.08 2.80 7.37
C THR D 34 -2.53 1.47 7.84
N ALA D 35 -1.61 1.50 8.81
CA ALA D 35 -1.07 0.27 9.38
C ALA D 35 -0.87 0.40 10.89
N ALA D 36 -1.13 -0.67 11.61
CA ALA D 36 -0.97 -0.67 13.06
C ALA D 36 0.50 -0.74 13.44
N ASP D 37 0.86 -0.10 14.56
CA ASP D 37 2.18 -0.31 15.16
C ASP D 37 2.05 -1.26 16.36
N LEU D 38 2.75 -2.38 16.28
CA LEU D 38 2.62 -3.48 17.25
C LEU D 38 3.29 -3.19 18.59
N LYS D 39 4.46 -2.56 18.56
CA LYS D 39 5.22 -2.34 19.79
C LYS D 39 4.49 -1.38 20.72
N SER D 40 4.09 -0.23 20.18
CA SER D 40 3.34 0.75 20.94
C SER D 40 2.04 0.15 21.47
N THR D 41 1.31 -0.54 20.60
CA THR D 41 0.06 -1.20 20.98
C THR D 41 0.25 -2.20 22.14
N GLN D 42 1.23 -3.09 22.00
CA GLN D 42 1.49 -4.11 22.99
C GLN D 42 1.92 -3.53 24.33
N ALA D 43 2.72 -2.46 24.28
CA ALA D 43 3.18 -1.78 25.49
C ALA D 43 2.00 -1.22 26.29
N ALA D 44 1.07 -0.58 25.60
CA ALA D 44 -0.13 -0.06 26.25
C ALA D 44 -0.96 -1.19 26.85
N ILE D 45 -1.21 -2.21 26.05
CA ILE D 45 -2.03 -3.34 26.48
C ILE D 45 -1.43 -4.07 27.69
N ASP D 46 -0.11 -4.29 27.66
CA ASP D 46 0.56 -4.99 28.75
C ASP D 46 0.40 -4.22 30.07
N GLN D 47 0.53 -2.90 30.01
CA GLN D 47 0.42 -2.08 31.22
C GLN D 47 -1.00 -2.05 31.77
N ILE D 48 -2.00 -2.10 30.90
CA ILE D 48 -3.40 -2.07 31.32
C ILE D 48 -3.87 -3.42 31.85
N ASN D 49 -3.57 -4.50 31.12
CA ASN D 49 -3.84 -5.85 31.61
C ASN D 49 -3.09 -6.13 32.91
N GLY D 50 -1.90 -5.55 33.04
CA GLY D 50 -1.13 -5.64 34.26
C GLY D 50 -1.92 -5.09 35.44
N LYS D 51 -2.56 -3.94 35.24
CA LYS D 51 -3.44 -3.36 36.25
C LYS D 51 -4.53 -4.32 36.63
N LEU D 52 -5.28 -4.78 35.61
CA LEU D 52 -6.41 -5.68 35.79
C LEU D 52 -6.06 -6.90 36.64
N ASN D 53 -4.90 -7.50 36.38
CA ASN D 53 -4.48 -8.69 37.11
C ASN D 53 -4.24 -8.40 38.59
N ARG D 54 -3.59 -7.28 38.88
CA ARG D 54 -3.38 -6.86 40.26
C ARG D 54 -4.71 -6.56 40.94
N LEU D 55 -5.67 -6.07 40.15
CA LEU D 55 -7.00 -5.78 40.66
C LEU D 55 -7.73 -7.04 41.06
N ILE D 56 -8.09 -7.85 40.07
CA ILE D 56 -8.74 -9.12 40.34
C ILE D 56 -7.64 -10.08 40.83
N GLU D 57 -7.23 -9.87 42.07
CA GLU D 57 -6.09 -10.60 42.61
C GLU D 57 -6.49 -11.55 43.72
N LYS D 58 -6.34 -11.06 44.94
CA LYS D 58 -6.40 -11.89 46.13
C LYS D 58 -7.71 -11.75 46.91
N THR D 59 -7.93 -12.78 47.72
CA THR D 59 -8.65 -12.81 49.01
C THR D 59 -10.18 -12.58 49.20
N ASN D 60 -10.45 -11.87 50.31
CA ASN D 60 -11.67 -11.68 51.09
C ASN D 60 -12.36 -12.99 51.36
N ASP D 61 -11.63 -13.84 52.05
CA ASP D 61 -12.09 -15.16 52.42
C ASP D 61 -12.58 -15.14 53.87
N LYS D 62 -13.85 -14.76 54.05
CA LYS D 62 -14.41 -14.54 55.37
C LYS D 62 -15.55 -15.48 55.68
N TYR D 63 -15.50 -16.10 56.86
CA TYR D 63 -16.57 -17.01 57.25
C TYR D 63 -17.35 -16.47 58.42
N HIS D 64 -16.98 -16.82 59.64
CA HIS D 64 -17.75 -16.36 60.78
C HIS D 64 -17.44 -14.89 61.07
N GLN D 65 -18.48 -14.07 61.04
CA GLN D 65 -18.32 -12.63 61.19
C GLN D 65 -19.16 -12.12 62.36
N ILE D 66 -20.09 -11.21 62.07
CA ILE D 66 -21.06 -10.77 63.08
C ILE D 66 -22.43 -10.73 62.43
N GLU D 67 -23.48 -10.66 63.25
CA GLU D 67 -24.82 -10.44 62.74
C GLU D 67 -24.90 -9.05 62.13
N LYS D 68 -25.66 -8.93 61.04
CA LYS D 68 -25.71 -7.66 60.31
C LYS D 68 -27.15 -7.22 60.02
N GLU D 69 -28.11 -8.10 60.27
CA GLU D 69 -29.52 -7.73 60.13
C GLU D 69 -30.27 -8.00 61.43
N PHE D 70 -31.17 -7.08 61.79
CA PHE D 70 -31.86 -7.19 63.07
C PHE D 70 -33.36 -6.92 62.96
N GLU D 71 -34.15 -7.69 63.71
CA GLU D 71 -35.59 -7.54 63.76
C GLU D 71 -36.01 -6.26 64.47
N GLN D 72 -35.73 -6.24 65.78
CA GLN D 72 -36.09 -5.12 66.63
C GLN D 72 -34.83 -4.58 67.29
N VAL D 73 -34.83 -3.28 67.59
CA VAL D 73 -33.71 -2.67 68.29
C VAL D 73 -33.51 -3.31 69.67
N GLU D 74 -32.25 -3.41 70.09
CA GLU D 74 -31.84 -4.04 71.33
C GLU D 74 -31.15 -3.05 72.25
N GLY D 75 -30.51 -2.06 71.66
CA GLY D 75 -29.71 -1.11 72.41
C GLY D 75 -28.22 -1.15 72.09
N ARG D 76 -27.42 -1.05 73.15
CA ARG D 76 -25.99 -0.79 73.09
C ARG D 76 -25.14 -1.71 72.20
N ILE D 77 -25.25 -3.01 72.41
CA ILE D 77 -24.41 -3.95 71.69
C ILE D 77 -24.79 -4.00 70.23
N GLN D 78 -26.10 -4.00 69.95
CA GLN D 78 -26.55 -3.95 68.57
C GLN D 78 -26.10 -2.66 67.88
N ASP D 79 -26.12 -1.55 68.61
CA ASP D 79 -25.67 -0.26 68.06
C ASP D 79 -24.23 -0.34 67.59
N LEU D 80 -23.40 -0.98 68.41
CA LEU D 80 -21.99 -1.14 68.13
C LEU D 80 -21.77 -2.05 66.92
N GLU D 81 -22.52 -3.16 66.86
CA GLU D 81 -22.43 -4.07 65.71
C GLU D 81 -22.80 -3.38 64.41
N LYS D 82 -23.83 -2.54 64.44
CA LYS D 82 -24.25 -1.82 63.26
C LYS D 82 -23.24 -0.75 62.88
N TYR D 83 -22.71 -0.06 63.88
CA TYR D 83 -21.73 0.98 63.66
C TYR D 83 -20.43 0.43 63.09
N VAL D 84 -19.99 -0.71 63.59
CA VAL D 84 -18.77 -1.35 63.07
C VAL D 84 -18.95 -1.70 61.60
N GLU D 85 -20.09 -2.27 61.25
CA GLU D 85 -20.31 -2.70 59.87
C GLU D 85 -20.47 -1.50 58.94
N ASP D 86 -21.19 -0.48 59.39
CA ASP D 86 -21.41 0.71 58.58
C ASP D 86 -20.09 1.45 58.37
N THR D 87 -19.26 1.46 59.41
CA THR D 87 -17.93 2.05 59.31
C THR D 87 -17.06 1.31 58.29
N LYS D 88 -17.11 -0.01 58.35
CA LYS D 88 -16.35 -0.84 57.42
C LYS D 88 -16.76 -0.59 55.97
N ILE D 89 -18.06 -0.52 55.71
CA ILE D 89 -18.57 -0.34 54.36
C ILE D 89 -18.20 1.02 53.75
N ASP D 90 -18.30 2.09 54.52
CA ASP D 90 -17.89 3.40 54.03
C ASP D 90 -16.42 3.44 53.66
N LEU D 91 -15.61 2.79 54.47
CA LEU D 91 -14.17 2.79 54.22
C LEU D 91 -13.85 2.00 52.96
N TRP D 92 -14.45 0.84 52.78
CA TRP D 92 -14.22 0.06 51.57
C TRP D 92 -14.83 0.72 50.33
N SER D 93 -15.97 1.39 50.50
CA SER D 93 -16.56 2.12 49.39
C SER D 93 -15.66 3.27 48.99
N TYR D 94 -15.07 3.93 49.99
CA TYR D 94 -14.11 4.99 49.72
C TYR D 94 -12.90 4.43 48.95
N ASN D 95 -12.33 3.33 49.44
CA ASN D 95 -11.21 2.68 48.76
C ASN D 95 -11.53 2.34 47.30
N ALA D 96 -12.71 1.76 47.08
CA ALA D 96 -13.13 1.41 45.73
C ALA D 96 -13.23 2.65 44.82
N GLU D 97 -13.83 3.72 45.33
CA GLU D 97 -14.01 4.95 44.56
C GLU D 97 -12.66 5.56 44.18
N LEU D 98 -11.74 5.62 45.12
CA LEU D 98 -10.45 6.24 44.89
C LEU D 98 -9.58 5.40 43.97
N LEU D 99 -9.60 4.09 44.18
CA LEU D 99 -8.80 3.17 43.40
C LEU D 99 -9.11 3.33 41.90
N VAL D 100 -10.39 3.26 41.57
CA VAL D 100 -10.81 3.34 40.18
C VAL D 100 -10.46 4.71 39.57
N ALA D 101 -10.65 5.78 40.33
CA ALA D 101 -10.27 7.11 39.84
C ALA D 101 -8.76 7.23 39.63
N LEU D 102 -7.97 6.67 40.54
CA LEU D 102 -6.50 6.69 40.40
C LEU D 102 -6.07 5.86 39.20
N GLU D 103 -6.63 4.67 39.09
CA GLU D 103 -6.26 3.77 37.99
C GLU D 103 -6.61 4.38 36.64
N ASN D 104 -7.78 4.99 36.56
CA ASN D 104 -8.24 5.54 35.29
C ASN D 104 -7.42 6.74 34.89
N GLN D 105 -7.14 7.62 35.85
CA GLN D 105 -6.29 8.79 35.61
C GLN D 105 -4.94 8.32 35.09
N HIS D 106 -4.42 7.26 35.69
CA HIS D 106 -3.14 6.71 35.28
C HIS D 106 -3.22 6.02 33.92
N THR D 107 -4.31 5.29 33.68
CA THR D 107 -4.46 4.58 32.41
C THR D 107 -4.50 5.55 31.24
N ILE D 108 -5.21 6.65 31.43
CA ILE D 108 -5.31 7.68 30.40
C ILE D 108 -3.95 8.30 30.11
N ASP D 109 -3.17 8.57 31.15
CA ASP D 109 -1.85 9.15 30.96
C ASP D 109 -0.89 8.17 30.29
N VAL D 110 -1.02 6.89 30.62
CA VAL D 110 -0.19 5.85 30.01
C VAL D 110 -0.43 5.79 28.50
N THR D 111 -1.70 5.83 28.10
CA THR D 111 -2.01 5.67 26.69
C THR D 111 -1.64 6.93 25.92
N ASP D 112 -1.79 8.08 26.57
CA ASP D 112 -1.37 9.35 25.99
C ASP D 112 0.14 9.33 25.79
N SER D 113 0.84 8.81 26.80
CA SER D 113 2.28 8.67 26.77
C SER D 113 2.77 7.74 25.66
N GLU D 114 2.13 6.59 25.50
CA GLU D 114 2.54 5.65 24.45
C GLU D 114 2.33 6.23 23.06
N MET D 115 1.31 7.07 22.91
CA MET D 115 1.09 7.77 21.65
C MET D 115 2.27 8.69 21.36
N ASN D 116 2.68 9.42 22.39
CA ASN D 116 3.77 10.37 22.26
C ASN D 116 5.12 9.68 22.03
N LYS D 117 5.32 8.54 22.66
CA LYS D 117 6.55 7.76 22.44
C LYS D 117 6.69 7.33 20.99
N LEU D 118 5.57 6.89 20.41
CA LEU D 118 5.56 6.49 19.00
C LEU D 118 5.92 7.65 18.10
N PHE D 119 5.28 8.80 18.34
CA PHE D 119 5.54 9.99 17.54
C PHE D 119 7.02 10.37 17.64
N GLU D 120 7.54 10.36 18.86
CA GLU D 120 8.94 10.70 19.12
C GLU D 120 9.90 9.71 18.47
N ARG D 121 9.56 8.42 18.52
CA ARG D 121 10.37 7.40 17.87
C ARG D 121 10.52 7.68 16.38
N VAL D 122 9.39 7.99 15.73
CA VAL D 122 9.41 8.22 14.29
C VAL D 122 10.16 9.52 13.99
N ARG D 123 9.93 10.54 14.82
CA ARG D 123 10.66 11.80 14.66
C ARG D 123 12.17 11.55 14.63
N ARG D 124 12.64 10.71 15.55
CA ARG D 124 14.08 10.47 15.64
C ARG D 124 14.60 9.65 14.46
N GLN D 125 13.80 8.73 13.93
CA GLN D 125 14.19 7.99 12.73
C GLN D 125 14.44 8.91 11.53
N LEU D 126 13.58 9.90 11.38
CA LEU D 126 13.54 10.73 10.18
C LEU D 126 14.64 11.79 10.16
N ARG D 127 15.19 12.10 11.33
CA ARG D 127 16.30 13.06 11.44
C ARG D 127 15.99 14.37 10.73
N GLU D 128 16.85 14.75 9.79
CA GLU D 128 16.71 16.01 9.09
C GLU D 128 15.90 15.87 7.79
N ASN D 129 15.34 14.70 7.53
CA ASN D 129 14.67 14.46 6.25
C ASN D 129 13.19 14.82 6.23
N ALA D 130 12.70 15.34 7.36
CA ALA D 130 11.26 15.58 7.50
C ALA D 130 11.00 16.69 8.52
N GLU D 131 9.79 17.24 8.47
CA GLU D 131 9.40 18.30 9.38
C GLU D 131 8.05 18.02 10.03
N ASP D 132 7.97 18.28 11.33
CA ASP D 132 6.73 18.14 12.11
C ASP D 132 5.69 19.14 11.62
N LYS D 133 4.59 18.64 11.04
CA LYS D 133 3.55 19.52 10.52
C LYS D 133 2.67 20.09 11.64
N GLY D 134 2.70 19.44 12.81
CA GLY D 134 2.03 19.97 13.98
C GLY D 134 0.79 19.23 14.44
N ASN D 135 0.34 18.28 13.61
CA ASN D 135 -0.89 17.53 13.90
C ASN D 135 -0.63 16.05 14.06
N GLY D 136 0.59 15.69 14.45
CA GLY D 136 0.99 14.30 14.54
C GLY D 136 1.52 13.76 13.21
N CYS D 137 1.71 14.65 12.24
CA CYS D 137 2.18 14.24 10.91
C CYS D 137 3.53 14.86 10.55
N PHE D 138 4.34 14.08 9.84
CA PHE D 138 5.58 14.59 9.28
C PHE D 138 5.47 14.78 7.78
N GLU D 139 5.85 15.95 7.31
CA GLU D 139 6.10 16.16 5.90
C GLU D 139 7.47 15.58 5.58
N ILE D 140 7.52 14.61 4.67
CA ILE D 140 8.78 14.00 4.29
C ILE D 140 9.31 14.64 3.02
N PHE D 141 10.54 15.15 3.08
CA PHE D 141 11.04 16.01 2.00
C PHE D 141 11.84 15.25 0.95
N HIS D 142 11.40 14.03 0.67
CA HIS D 142 11.99 13.24 -0.41
C HIS D 142 10.95 12.23 -0.89
N LYS D 143 11.14 11.71 -2.10
CA LYS D 143 10.25 10.67 -2.61
C LYS D 143 10.33 9.44 -1.71
N CYS D 144 9.18 8.93 -1.31
CA CYS D 144 9.14 7.81 -0.39
C CYS D 144 8.05 6.83 -0.83
N ASP D 145 8.45 5.82 -1.61
CA ASP D 145 7.52 4.82 -2.10
C ASP D 145 7.08 3.87 -0.99
N ASN D 146 6.25 2.89 -1.32
CA ASN D 146 5.69 2.00 -0.31
C ASN D 146 6.76 1.23 0.47
N ASN D 147 7.87 0.91 -0.20
CA ASN D 147 8.96 0.24 0.49
C ASN D 147 9.66 1.18 1.47
N CYS D 148 9.83 2.44 1.05
CA CYS D 148 10.38 3.46 1.91
C CYS D 148 9.50 3.64 3.16
N ILE D 149 8.20 3.82 2.93
CA ILE D 149 7.24 3.98 4.01
C ILE D 149 7.34 2.82 5.00
N GLU D 150 7.34 1.61 4.47
CA GLU D 150 7.42 0.40 5.30
C GLU D 150 8.72 0.36 6.09
N SER D 151 9.81 0.84 5.50
CA SER D 151 11.10 0.88 6.19
C SER D 151 11.03 1.79 7.43
N ILE D 152 10.23 2.85 7.33
CA ILE D 152 10.00 3.73 8.47
C ILE D 152 9.20 2.98 9.54
N ARG D 153 8.14 2.31 9.12
CA ARG D 153 7.27 1.61 10.06
C ARG D 153 7.96 0.45 10.77
N ASN D 154 8.89 -0.22 10.10
CA ASN D 154 9.54 -1.38 10.72
C ASN D 154 10.93 -1.08 11.28
N GLY D 155 11.29 0.20 11.34
CA GLY D 155 12.53 0.64 11.96
C GLY D 155 13.82 0.50 11.17
N THR D 156 13.72 0.20 9.87
CA THR D 156 14.92 0.00 9.05
C THR D 156 15.31 1.21 8.19
N TYR D 157 14.48 2.26 8.22
CA TYR D 157 14.73 3.47 7.46
C TYR D 157 16.11 4.05 7.76
N ASP D 158 16.88 4.29 6.71
CA ASP D 158 18.23 4.83 6.84
C ASP D 158 18.26 6.24 6.28
N HIS D 159 18.28 7.22 7.18
CA HIS D 159 18.14 8.62 6.82
C HIS D 159 19.25 9.14 5.90
N ASP D 160 20.44 8.55 6.01
CA ASP D 160 21.57 8.99 5.16
C ASP D 160 21.29 8.77 3.67
N ILE D 161 20.51 7.75 3.35
CA ILE D 161 20.15 7.46 1.96
C ILE D 161 19.48 8.65 1.27
N TYR D 162 18.62 9.37 2.00
CA TYR D 162 17.82 10.43 1.40
C TYR D 162 18.23 11.85 1.81
N ARG D 163 19.22 11.97 2.67
CA ARG D 163 19.53 13.24 3.33
C ARG D 163 19.84 14.35 2.33
N ASP D 164 20.65 14.04 1.33
CA ASP D 164 21.02 15.08 0.35
C ASP D 164 19.79 15.57 -0.40
N GLU D 165 18.91 14.66 -0.79
CA GLU D 165 17.65 15.04 -1.43
C GLU D 165 16.80 15.89 -0.49
N ALA D 166 16.65 15.44 0.76
CA ALA D 166 15.78 16.11 1.72
C ALA D 166 16.24 17.53 2.08
N ILE D 167 17.54 17.67 2.36
CA ILE D 167 18.12 18.96 2.73
C ILE D 167 17.92 19.99 1.64
N ASN D 168 18.14 19.57 0.39
CA ASN D 168 17.94 20.45 -0.75
C ASN D 168 16.49 20.87 -0.92
N ASN D 169 15.56 19.94 -0.69
CA ASN D 169 14.14 20.27 -0.74
C ASN D 169 13.70 21.18 0.41
N ARG D 170 14.24 20.94 1.60
CA ARG D 170 13.84 21.73 2.77
C ARG D 170 14.29 23.18 2.69
N PHE D 171 15.52 23.41 2.23
CA PHE D 171 16.13 24.74 2.33
C PHE D 171 16.34 25.42 0.98
N GLN D 172 15.74 24.87 -0.07
CA GLN D 172 15.68 25.55 -1.36
C GLN D 172 14.37 25.24 -2.08
C1 NAG E . -57.76 -32.97 82.50
C2 NAG E . -57.02 -33.23 81.18
C3 NAG E . -55.55 -32.86 81.31
C4 NAG E . -55.43 -31.41 81.75
C5 NAG E . -56.15 -31.24 83.09
C6 NAG E . -56.14 -29.80 83.58
C7 NAG E . -57.90 -34.97 79.67
C8 NAG E . -58.55 -33.85 78.91
N2 NAG E . -57.18 -34.61 80.75
O1 NAG E . -59.13 -33.17 82.31
O3 NAG E . -54.88 -33.07 80.07
O4 NAG E . -54.10 -30.90 81.71
O5 NAG E . -57.53 -31.60 82.94
O6 NAG E . -57.36 -29.47 84.24
O7 NAG E . -58.02 -36.14 79.33
C1 GAL E . -52.85 -30.62 82.41
C2 GAL E . -51.85 -31.01 81.35
C3 GAL E . -50.42 -30.83 81.86
C4 GAL E . -50.23 -29.53 82.61
C5 GAL E . -51.29 -29.43 83.66
C6 GAL E . -51.14 -28.19 84.49
O2 GAL E . -52.05 -32.36 80.98
O3 GAL E . -49.55 -30.85 80.73
O4 GAL E . -50.38 -28.42 81.71
O5 GAL E . -52.51 -29.35 82.94
O6 GAL E . -52.17 -27.31 84.08
C1 SIA E . -47.77 -31.53 79.03
C2 SIA E . -48.30 -31.53 80.44
C3 SIA E . -48.53 -32.95 80.91
C4 SIA E . -47.20 -33.70 81.03
C5 SIA E . -46.20 -32.91 81.85
C6 SIA E . -46.09 -31.48 81.34
C7 SIA E . -45.16 -30.65 82.23
C8 SIA E . -45.41 -29.16 82.06
C9 SIA E . -44.37 -28.34 82.81
C10 SIA E . -44.20 -33.80 82.88
C11 SIA E . -43.08 -34.79 82.72
N5 SIA E . -44.90 -33.55 81.78
O1A SIA E . -46.97 -30.64 78.69
O1B SIA E . -48.15 -32.43 78.26
O4 SIA E . -47.43 -34.97 81.65
O6 SIA E . -47.38 -30.86 81.32
O7 SIA E . -45.36 -31.02 83.61
O8 SIA E . -45.39 -28.83 80.67
O9 SIA E . -44.94 -27.08 83.20
O10 SIA E . -44.44 -33.27 83.94
C1 NAG F . 44.68 8.21 -93.09
C2 NAG F . 44.50 7.08 -92.07
C3 NAG F . 44.38 5.73 -92.82
C4 NAG F . 43.41 5.81 -93.99
C5 NAG F . 43.67 7.06 -94.84
C6 NAG F . 42.64 7.27 -95.93
C7 NAG F . 45.62 7.72 -89.99
C8 NAG F . 46.85 7.55 -89.15
N2 NAG F . 45.59 7.04 -91.14
O3 NAG F . 43.97 4.72 -91.91
O4 NAG F . 43.56 4.66 -94.81
O5 NAG F . 43.63 8.21 -94.01
O6 NAG F . 42.51 8.66 -96.21
O7 NAG F . 44.69 8.43 -89.65
C1 NAG G . 9.05 22.35 -44.33
C2 NAG G . 8.82 23.70 -45.01
C3 NAG G . 9.04 24.84 -44.02
C4 NAG G . 8.18 24.65 -42.78
C5 NAG G . 8.46 23.27 -42.18
C6 NAG G . 7.54 22.96 -41.00
C7 NAG G . 9.22 23.99 -47.42
C8 NAG G . 7.74 24.01 -47.59
N2 NAG G . 9.68 23.85 -46.17
O3 NAG G . 8.70 26.08 -44.65
O4 NAG G . 8.46 25.67 -41.83
O5 NAG G . 8.22 22.25 -43.15
O6 NAG G . 7.74 21.64 -40.53
O7 NAG G . 9.97 24.11 -48.38
C1 SIA H . 43.15 36.56 -79.43
C2 SIA H . 43.65 37.01 -80.78
C3 SIA H . 45.15 36.75 -80.87
C4 SIA H . 45.44 35.26 -80.95
C5 SIA H . 44.69 34.65 -82.12
C6 SIA H . 43.21 34.93 -81.93
C7 SIA H . 42.35 34.32 -83.03
C8 SIA H . 40.95 34.93 -82.98
C9 SIA H . 39.92 34.05 -83.65
C10 SIA H . 45.95 32.68 -82.80
C11 SIA H . 46.07 31.19 -82.71
N5 SIA H . 44.89 33.22 -82.19
O1A SIA H . 43.88 36.76 -78.44
O1B SIA H . 42.03 36.03 -79.33
O2 SIA H . 43.41 38.41 -80.92
O4 SIA H . 46.85 35.04 -81.09
O6 SIA H . 42.98 36.34 -81.86
O7 SIA H . 42.95 34.54 -84.31
O8 SIA H . 40.58 35.15 -81.62
O9 SIA H . 38.61 34.56 -83.32
O10 SIA H . 46.78 33.37 -83.37
C1 NAG I . -20.92 -34.96 95.51
C2 NAG I . -19.68 -34.50 94.71
C3 NAG I . -18.40 -34.64 95.54
C4 NAG I . -18.58 -33.97 96.90
C5 NAG I . -19.85 -34.48 97.59
C6 NAG I . -20.14 -33.78 98.89
C7 NAG I . -19.37 -36.45 93.11
C8 NAG I . -19.28 -37.43 94.26
N2 NAG I . -19.56 -35.15 93.39
O3 NAG I . -17.30 -34.06 94.84
O4 NAG I . -17.45 -34.27 97.73
O5 NAG I . -20.97 -34.25 96.74
O6 NAG I . -21.49 -33.33 98.93
O7 NAG I . -19.27 -36.83 91.94
C1 NAG J . -26.65 -2.55 42.73
C2 NAG J . -27.98 -2.04 43.29
C3 NAG J . -29.06 -2.13 42.22
C4 NAG J . -28.63 -1.39 40.96
C5 NAG J . -27.32 -2.00 40.48
C6 NAG J . -26.76 -1.28 39.26
C7 NAG J . -28.61 -2.24 45.65
C8 NAG J . -28.51 -0.75 45.71
N2 NAG J . -28.35 -2.80 44.46
O3 NAG J . -30.25 -1.53 42.73
O4 NAG J . -29.62 -1.49 39.95
O5 NAG J . -26.33 -1.87 41.51
O6 NAG J . -25.38 -1.54 39.11
O7 NAG J . -28.94 -2.90 46.63
#